data_6SGF
#
_entry.id   6SGF
#
_cell.length_a   141.870
_cell.length_b   141.870
_cell.length_c   60.600
_cell.angle_alpha   90.000
_cell.angle_beta   90.000
_cell.angle_gamma   120.000
#
_symmetry.space_group_name_H-M   'P 65'
#
loop_
_entity.id
_entity.type
_entity.pdbx_description
1 polymer Beta-xylanase
2 branched beta-D-xylopyranose-(1-4)-beta-D-xylopyranose-(1-4)-beta-D-xylopyranose
3 branched beta-D-xylopyranose-(1-4)-beta-D-xylopyranose-(1-4)-beta-D-xylopyranose-(1-4)-beta-D-xylopyranose
4 non-polymer beta-D-xylopyranose
5 non-polymer 'CADMIUM ION'
6 non-polymer 'CHLORIDE ION'
7 water water
#
_entity_poly.entity_id   1
_entity_poly.type   'polypeptide(L)'
_entity_poly.pdbx_seq_one_letter_code
;GAMGVKKVFTADQLKVAWGDADYELADGQWKLSFAKQYNQVKWTLPESIEMSQVNAVTFQVADQKVPISLKVYNGGDDAT
AANTQYGLSGQTEYTINPSGDGAIDAVGIMITEDKPENATVSLVSVTFELKAGAGDAKLGD
;
_entity_poly.pdbx_strand_id   A,B,C,D,E,F
#
# COMPACT_ATOMS: atom_id res chain seq x y z
N GLY A 4 -7.99 -9.39 -28.86
CA GLY A 4 -7.84 -7.97 -28.61
C GLY A 4 -6.77 -7.30 -29.46
N VAL A 5 -6.57 -6.00 -29.24
CA VAL A 5 -5.54 -5.27 -29.97
C VAL A 5 -4.17 -5.68 -29.45
N LYS A 6 -3.20 -5.80 -30.34
CA LYS A 6 -1.86 -6.23 -29.95
C LYS A 6 -0.87 -5.07 -30.13
N LYS A 7 -0.22 -4.68 -29.04
CA LYS A 7 0.91 -3.75 -29.09
C LYS A 7 2.20 -4.56 -29.05
N VAL A 8 2.99 -4.49 -30.11
CA VAL A 8 4.19 -5.32 -30.26
C VAL A 8 5.41 -4.42 -30.17
N PHE A 9 6.38 -4.81 -29.33
CA PHE A 9 7.68 -4.14 -29.26
C PHE A 9 8.75 -5.12 -29.70
N THR A 10 9.42 -4.80 -30.81
CA THR A 10 10.58 -5.65 -31.13
C THR A 10 11.77 -5.26 -30.26
N ALA A 11 12.80 -6.13 -30.28
CA ALA A 11 13.95 -5.99 -29.41
C ALA A 11 14.55 -4.59 -29.48
N ASP A 12 14.71 -4.05 -30.69
CA ASP A 12 15.35 -2.75 -30.82
C ASP A 12 14.53 -1.60 -30.25
N GLN A 13 13.29 -1.82 -29.84
CA GLN A 13 12.51 -0.78 -29.17
C GLN A 13 12.60 -0.84 -27.66
N LEU A 14 13.33 -1.82 -27.14
CA LEU A 14 13.39 -2.09 -25.71
C LEU A 14 14.74 -1.62 -25.18
N LYS A 15 14.73 -0.76 -24.17
CA LYS A 15 15.93 -0.22 -23.58
C LYS A 15 16.29 -0.98 -22.31
N VAL A 16 17.57 -1.30 -22.14
CA VAL A 16 17.98 -2.01 -20.92
C VAL A 16 17.98 -1.04 -19.75
N ALA A 17 17.24 -1.39 -18.70
CA ALA A 17 17.19 -0.62 -17.46
C ALA A 17 18.26 -1.06 -16.47
N TRP A 18 18.50 -2.36 -16.41
CA TRP A 18 19.35 -3.03 -15.43
C TRP A 18 19.63 -4.42 -15.98
N GLY A 19 20.84 -4.90 -15.76
CA GLY A 19 21.15 -6.27 -16.12
C GLY A 19 22.50 -6.73 -15.63
N ASP A 20 22.52 -7.86 -14.91
CA ASP A 20 23.80 -8.45 -14.56
C ASP A 20 24.14 -9.63 -15.44
N ALA A 21 23.25 -10.02 -16.35
CA ALA A 21 23.61 -10.86 -17.48
C ALA A 21 24.41 -10.05 -18.49
N ASP A 22 25.08 -10.75 -19.40
CA ASP A 22 25.73 -10.11 -20.55
C ASP A 22 24.71 -9.92 -21.66
N TYR A 23 24.64 -8.73 -22.25
CA TYR A 23 23.60 -8.46 -23.26
C TYR A 23 24.15 -7.58 -24.39
N GLU A 24 23.71 -7.84 -25.62
CA GLU A 24 24.07 -6.99 -26.73
C GLU A 24 22.94 -7.05 -27.74
N LEU A 25 22.65 -5.93 -28.40
CA LEU A 25 21.66 -5.89 -29.46
C LEU A 25 22.38 -6.19 -30.76
N ALA A 26 22.11 -7.35 -31.34
CA ALA A 26 22.78 -7.81 -32.54
C ALA A 26 21.77 -8.47 -33.47
N ASP A 27 21.87 -8.17 -34.76
CA ASP A 27 20.99 -8.74 -35.77
C ASP A 27 19.51 -8.59 -35.35
N GLY A 28 19.20 -7.45 -34.74
CA GLY A 28 17.85 -7.08 -34.36
C GLY A 28 17.28 -7.78 -33.14
N GLN A 29 18.09 -8.54 -32.41
CA GLN A 29 17.68 -9.28 -31.23
C GLN A 29 18.57 -8.90 -30.06
N TRP A 30 18.00 -8.98 -28.86
CA TRP A 30 18.78 -8.85 -27.63
C TRP A 30 19.38 -10.22 -27.34
N LYS A 31 20.70 -10.36 -27.51
CA LYS A 31 21.40 -11.62 -27.31
C LYS A 31 21.96 -11.63 -25.89
N LEU A 32 21.58 -12.64 -25.11
CA LEU A 32 21.90 -12.68 -23.69
C LEU A 32 22.78 -13.88 -23.36
N SER A 33 23.69 -13.72 -22.38
CA SER A 33 24.47 -14.83 -21.86
C SER A 33 24.45 -14.72 -20.34
N PHE A 34 24.28 -15.84 -19.64
CA PHE A 34 24.13 -15.87 -18.19
C PHE A 34 25.26 -16.68 -17.59
N ALA A 35 26.01 -16.06 -16.69
CA ALA A 35 27.15 -16.71 -16.05
C ALA A 35 26.84 -17.23 -14.66
N LYS A 36 25.82 -16.68 -13.98
CA LYS A 36 25.46 -17.06 -12.63
C LYS A 36 23.95 -17.22 -12.47
N GLN A 37 23.59 -18.05 -11.47
CA GLN A 37 22.19 -18.21 -11.06
C GLN A 37 21.58 -16.86 -10.76
N TYR A 38 20.37 -16.65 -11.27
CA TYR A 38 19.53 -15.45 -11.08
C TYR A 38 20.03 -14.23 -11.86
N ASN A 39 21.08 -14.37 -12.67
CA ASN A 39 21.47 -13.32 -13.61
C ASN A 39 20.27 -12.99 -14.48
N GLN A 40 20.14 -11.72 -14.84
CA GLN A 40 18.91 -11.30 -15.50
C GLN A 40 19.12 -9.96 -16.19
N VAL A 41 18.15 -9.64 -17.03
CA VAL A 41 18.04 -8.34 -17.67
C VAL A 41 16.63 -7.82 -17.46
N LYS A 42 16.51 -6.51 -17.26
CA LYS A 42 15.25 -5.79 -17.19
C LYS A 42 15.26 -4.72 -18.28
N TRP A 43 14.24 -4.70 -19.11
CA TRP A 43 14.09 -3.71 -20.16
C TRP A 43 12.89 -2.83 -19.89
N THR A 44 13.05 -1.51 -20.11
CA THR A 44 11.92 -0.63 -20.07
C THR A 44 11.20 -0.61 -21.42
N LEU A 45 9.91 -0.50 -21.36
CA LEU A 45 9.05 -0.36 -22.52
C LEU A 45 9.08 1.07 -23.06
N PRO A 46 8.81 1.26 -24.36
CA PRO A 46 8.67 2.62 -24.92
C PRO A 46 7.53 3.43 -24.30
N GLU A 47 6.55 2.76 -23.70
CA GLU A 47 5.40 3.40 -23.09
C GLU A 47 4.84 2.54 -21.97
N SER A 48 4.33 3.20 -20.94
CA SER A 48 3.65 2.54 -19.84
C SER A 48 2.27 2.07 -20.27
N ILE A 49 1.86 0.91 -19.79
CA ILE A 49 0.55 0.34 -20.13
C ILE A 49 -0.15 -0.01 -18.83
N GLU A 50 -1.36 0.50 -18.65
CA GLU A 50 -2.13 0.20 -17.44
C GLU A 50 -2.46 -1.29 -17.38
N MET A 51 -2.26 -1.87 -16.20
CA MET A 51 -2.50 -3.29 -16.01
C MET A 51 -3.95 -3.67 -16.35
N SER A 52 -4.90 -2.86 -15.88
CA SER A 52 -6.32 -3.04 -16.19
C SER A 52 -6.56 -3.33 -17.67
N GLN A 53 -5.76 -2.76 -18.57
CA GLN A 53 -6.01 -2.87 -20.00
C GLN A 53 -5.37 -4.11 -20.64
N VAL A 54 -4.57 -4.88 -19.91
CA VAL A 54 -3.73 -5.93 -20.51
C VAL A 54 -4.31 -7.31 -20.23
N ASN A 55 -4.49 -8.10 -21.28
CA ASN A 55 -4.91 -9.48 -21.16
C ASN A 55 -3.75 -10.45 -21.02
N ALA A 56 -2.70 -10.27 -21.82
CA ALA A 56 -1.64 -11.24 -21.93
C ALA A 56 -0.39 -10.52 -22.41
N VAL A 57 0.76 -10.98 -21.95
CA VAL A 57 2.07 -10.50 -22.41
C VAL A 57 2.80 -11.71 -22.97
N THR A 58 3.17 -11.66 -24.24
CA THR A 58 3.82 -12.78 -24.90
C THR A 58 5.26 -12.44 -25.28
N PHE A 59 6.19 -13.26 -24.79
CA PHE A 59 7.62 -13.13 -25.04
C PHE A 59 8.02 -14.06 -26.18
N GLN A 60 8.64 -13.51 -27.22
CA GLN A 60 9.17 -14.33 -28.31
C GLN A 60 10.68 -14.40 -28.22
N VAL A 61 11.21 -15.63 -28.23
CA VAL A 61 12.65 -15.84 -28.06
C VAL A 61 13.16 -16.67 -29.22
N ALA A 62 14.49 -16.69 -29.36
CA ALA A 62 15.18 -17.50 -30.35
C ALA A 62 16.48 -18.00 -29.75
N ASP A 63 16.94 -19.13 -30.30
CA ASP A 63 18.23 -19.74 -29.92
C ASP A 63 18.30 -19.99 -28.42
N GLN A 64 17.20 -20.48 -27.86
CA GLN A 64 17.15 -20.70 -26.43
C GLN A 64 17.98 -21.92 -26.07
N LYS A 65 18.96 -21.73 -25.20
CA LYS A 65 19.82 -22.85 -24.79
C LYS A 65 19.77 -23.13 -23.29
N VAL A 66 18.84 -22.53 -22.57
CA VAL A 66 18.69 -22.71 -21.13
C VAL A 66 17.24 -22.42 -20.79
N PRO A 67 16.64 -23.11 -19.81
CA PRO A 67 15.29 -22.71 -19.37
C PRO A 67 15.31 -21.28 -18.84
N ILE A 68 14.23 -20.55 -19.08
CA ILE A 68 14.20 -19.15 -18.69
C ILE A 68 13.00 -18.82 -17.80
N SER A 69 13.15 -17.74 -17.04
CA SER A 69 12.09 -17.14 -16.25
C SER A 69 11.74 -15.78 -16.85
N LEU A 70 10.46 -15.47 -16.88
CA LEU A 70 9.92 -14.26 -17.50
C LEU A 70 9.22 -13.41 -16.45
N LYS A 71 9.38 -12.09 -16.56
CA LYS A 71 8.88 -11.13 -15.59
C LYS A 71 8.16 -9.99 -16.28
N VAL A 72 7.04 -9.58 -15.71
CA VAL A 72 6.31 -8.35 -16.05
C VAL A 72 6.31 -7.48 -14.81
N TYR A 73 6.97 -6.32 -14.91
CA TYR A 73 7.11 -5.40 -13.79
C TYR A 73 5.89 -4.49 -13.72
N ASN A 74 5.54 -4.06 -12.52
CA ASN A 74 4.48 -3.06 -12.37
C ASN A 74 4.82 -2.08 -11.26
N GLY A 75 6.06 -1.58 -11.27
CA GLY A 75 6.43 -0.46 -10.43
C GLY A 75 7.23 -0.81 -9.18
N GLY A 76 7.35 -2.07 -8.83
CA GLY A 76 8.16 -2.43 -7.69
C GLY A 76 9.63 -2.64 -8.05
N ASP A 77 10.42 -2.87 -7.01
CA ASP A 77 11.83 -3.12 -7.22
C ASP A 77 12.06 -4.48 -7.89
N ASP A 78 11.14 -5.43 -7.72
CA ASP A 78 11.17 -6.66 -8.51
C ASP A 78 9.76 -6.90 -9.02
N ALA A 79 9.64 -7.77 -9.99
CA ALA A 79 8.32 -8.21 -10.42
C ALA A 79 7.71 -9.08 -9.34
N THR A 80 6.39 -9.02 -9.23
CA THR A 80 5.72 -9.91 -8.27
C THR A 80 5.73 -11.36 -8.75
N ALA A 81 5.60 -12.29 -7.79
CA ALA A 81 5.55 -13.70 -8.17
C ALA A 81 4.39 -14.00 -9.11
N ALA A 82 3.25 -13.34 -8.91
CA ALA A 82 2.11 -13.53 -9.79
C ALA A 82 2.42 -13.10 -11.21
N ASN A 83 3.39 -12.20 -11.38
CA ASN A 83 3.73 -11.69 -12.69
C ASN A 83 5.03 -12.29 -13.22
N THR A 84 5.41 -13.46 -12.73
CA THR A 84 6.66 -14.12 -13.10
C THR A 84 6.31 -15.56 -13.42
N GLN A 85 6.97 -16.15 -14.39
CA GLN A 85 6.88 -17.57 -14.65
C GLN A 85 8.30 -18.13 -14.68
N TYR A 86 8.51 -19.30 -14.09
CA TYR A 86 9.85 -19.86 -13.94
C TYR A 86 10.04 -21.14 -14.75
N GLY A 87 11.28 -21.37 -15.16
CA GLY A 87 11.71 -22.63 -15.72
C GLY A 87 11.09 -23.01 -17.04
N LEU A 88 10.90 -22.03 -17.93
CA LEU A 88 10.21 -22.26 -19.21
C LEU A 88 11.17 -22.80 -20.25
N SER A 89 10.74 -23.83 -20.99
CA SER A 89 11.56 -24.46 -22.02
C SER A 89 10.67 -25.00 -23.11
N GLY A 90 11.25 -25.15 -24.31
CA GLY A 90 10.61 -25.88 -25.40
C GLY A 90 9.72 -25.10 -26.35
N GLN A 91 9.62 -23.76 -26.22
CA GLN A 91 8.77 -22.99 -27.11
C GLN A 91 9.52 -21.75 -27.55
N THR A 92 9.07 -21.15 -28.65
CA THR A 92 9.62 -19.85 -29.03
C THR A 92 8.74 -18.67 -28.60
N GLU A 93 7.57 -18.94 -28.02
CA GLU A 93 6.66 -17.94 -27.51
C GLU A 93 6.14 -18.40 -26.16
N TYR A 94 6.20 -17.54 -25.14
CA TYR A 94 5.67 -17.82 -23.81
C TYR A 94 4.78 -16.67 -23.35
N THR A 95 3.67 -16.99 -22.66
CA THR A 95 2.68 -15.97 -22.29
C THR A 95 2.53 -15.89 -20.79
N ILE A 96 2.52 -14.65 -20.27
CA ILE A 96 2.17 -14.33 -18.89
C ILE A 96 0.86 -13.57 -18.93
N ASN A 97 -0.08 -13.95 -18.05
CA ASN A 97 -1.31 -13.18 -17.90
C ASN A 97 -1.17 -12.37 -16.61
N PRO A 98 -0.83 -11.08 -16.69
CA PRO A 98 -0.42 -10.35 -15.48
C PRO A 98 -1.61 -9.91 -14.64
N SER A 99 -1.31 -9.62 -13.37
CA SER A 99 -2.38 -9.27 -12.44
C SER A 99 -1.82 -8.24 -11.47
N GLY A 100 -2.71 -7.48 -10.84
CA GLY A 100 -2.26 -6.57 -9.79
C GLY A 100 -2.58 -5.13 -10.07
N ASP A 101 -1.92 -4.24 -9.36
CA ASP A 101 -2.19 -2.80 -9.46
C ASP A 101 -1.22 -2.15 -10.44
N GLY A 102 -1.49 -0.90 -10.79
CA GLY A 102 -0.52 -0.03 -11.45
C GLY A 102 -0.39 -0.19 -12.93
N ALA A 103 0.76 0.25 -13.40
CA ALA A 103 1.03 0.27 -14.84
C ALA A 103 2.23 -0.62 -15.12
N ILE A 104 2.18 -1.36 -16.24
CA ILE A 104 3.34 -2.12 -16.69
C ILE A 104 4.29 -1.22 -17.44
N ASP A 105 5.54 -1.12 -16.97
CA ASP A 105 6.54 -0.32 -17.66
C ASP A 105 7.83 -1.04 -18.05
N ALA A 106 7.98 -2.32 -17.71
CA ALA A 106 9.21 -3.06 -17.96
C ALA A 106 8.91 -4.56 -17.96
N VAL A 107 9.80 -5.31 -18.60
CA VAL A 107 9.76 -6.77 -18.62
C VAL A 107 11.17 -7.28 -18.35
N GLY A 108 11.27 -8.56 -18.03
CA GLY A 108 12.55 -9.15 -17.73
C GLY A 108 12.69 -10.61 -18.10
N ILE A 109 13.94 -11.04 -18.23
CA ILE A 109 14.31 -12.43 -18.46
C ILE A 109 15.41 -12.80 -17.47
N MET A 110 15.24 -13.96 -16.80
CA MET A 110 16.15 -14.40 -15.73
C MET A 110 16.42 -15.88 -15.91
N ILE A 111 17.57 -16.37 -15.42
CA ILE A 111 17.78 -17.81 -15.32
C ILE A 111 17.77 -18.23 -13.85
N THR A 112 17.27 -19.44 -13.60
CA THR A 112 17.30 -20.02 -12.27
C THR A 112 18.27 -21.17 -12.18
N GLU A 113 18.91 -21.53 -13.27
CA GLU A 113 19.90 -22.64 -13.30
C GLU A 113 21.02 -22.37 -12.29
N ASP A 114 21.39 -23.33 -11.44
CA ASP A 114 22.37 -23.03 -10.36
C ASP A 114 23.80 -23.02 -10.89
N LYS A 115 24.12 -23.75 -11.94
CA LYS A 115 25.51 -23.80 -12.47
C LYS A 115 25.45 -23.63 -13.98
N PRO A 116 25.19 -22.39 -14.44
CA PRO A 116 24.95 -22.17 -15.87
C PRO A 116 26.17 -22.55 -16.66
N GLU A 117 25.93 -23.14 -17.82
CA GLU A 117 26.99 -23.48 -18.75
C GLU A 117 26.48 -23.28 -20.17
N ASN A 118 27.16 -22.44 -20.94
CA ASN A 118 26.69 -22.09 -22.28
C ASN A 118 25.21 -21.73 -22.24
N ALA A 119 24.86 -20.91 -21.25
CA ALA A 119 23.48 -20.52 -21.01
C ALA A 119 23.22 -19.24 -21.79
N THR A 120 22.53 -19.36 -22.92
CA THR A 120 22.26 -18.21 -23.76
C THR A 120 20.82 -18.24 -24.26
N VAL A 121 20.31 -17.06 -24.64
CA VAL A 121 19.00 -16.94 -25.27
C VAL A 121 18.95 -15.59 -25.98
N SER A 122 18.11 -15.48 -27.01
CA SER A 122 17.84 -14.21 -27.68
C SER A 122 16.39 -13.81 -27.50
N LEU A 123 16.18 -12.53 -27.19
CA LEU A 123 14.84 -11.97 -27.18
C LEU A 123 14.52 -11.32 -28.52
N VAL A 124 13.41 -11.73 -29.11
CA VAL A 124 12.92 -11.24 -30.40
C VAL A 124 11.94 -10.08 -30.22
N SER A 125 10.92 -10.24 -29.37
CA SER A 125 9.85 -9.28 -29.26
C SER A 125 9.05 -9.57 -28.00
N VAL A 126 8.28 -8.56 -27.59
CA VAL A 126 7.31 -8.66 -26.50
C VAL A 126 6.00 -8.06 -26.98
N THR A 127 4.92 -8.83 -26.82
CA THR A 127 3.60 -8.46 -27.33
C THR A 127 2.64 -8.32 -26.16
N PHE A 128 1.91 -7.19 -26.12
CA PHE A 128 0.86 -6.90 -25.15
C PHE A 128 -0.48 -7.07 -25.84
N GLU A 129 -1.25 -8.07 -25.43
CA GLU A 129 -2.58 -8.23 -25.95
C GLU A 129 -3.55 -7.49 -25.05
N LEU A 130 -4.23 -6.50 -25.60
CA LEU A 130 -5.05 -5.64 -24.77
C LEU A 130 -6.46 -6.20 -24.69
N LYS A 131 -7.15 -5.83 -23.63
CA LYS A 131 -8.57 -6.15 -23.52
C LYS A 131 -9.35 -5.36 -24.57
N ALA A 132 -9.05 -4.07 -24.67
CA ALA A 132 -9.66 -3.17 -25.63
C ALA A 132 -8.92 -3.26 -26.98
N GLY B 4 3.27 -2.03 23.77
CA GLY B 4 4.10 -2.21 24.95
C GLY B 4 4.09 -3.65 25.42
N VAL B 5 3.01 -4.38 25.11
CA VAL B 5 2.92 -5.78 25.51
C VAL B 5 3.91 -6.57 24.67
N LYS B 6 4.58 -7.53 25.28
CA LYS B 6 5.55 -8.35 24.55
C LYS B 6 5.17 -9.81 24.57
N LYS B 7 5.05 -10.39 23.40
CA LYS B 7 4.88 -11.81 23.26
C LYS B 7 6.24 -12.42 22.89
N VAL B 8 6.80 -13.23 23.77
CA VAL B 8 8.15 -13.76 23.60
C VAL B 8 8.06 -15.26 23.38
N PHE B 9 8.69 -15.77 22.34
CA PHE B 9 8.77 -17.20 22.12
C PHE B 9 10.23 -17.63 22.11
N THR B 10 10.60 -18.48 23.06
CA THR B 10 11.92 -19.09 23.03
C THR B 10 11.94 -20.18 21.95
N ALA B 11 13.16 -20.63 21.59
CA ALA B 11 13.34 -21.57 20.49
C ALA B 11 12.49 -22.81 20.65
N ASP B 12 12.40 -23.37 21.85
CA ASP B 12 11.63 -24.61 21.98
C ASP B 12 10.14 -24.44 21.75
N GLN B 13 9.65 -23.20 21.63
CA GLN B 13 8.24 -22.98 21.31
C GLN B 13 7.98 -22.80 19.83
N LEU B 14 9.01 -22.75 18.99
CA LEU B 14 8.89 -22.47 17.58
C LEU B 14 9.09 -23.79 16.83
N LYS B 15 8.10 -24.18 16.05
CA LYS B 15 8.18 -25.44 15.27
C LYS B 15 8.60 -25.14 13.84
N VAL B 16 9.45 -25.96 13.28
CA VAL B 16 9.94 -25.73 11.92
C VAL B 16 8.82 -26.06 10.93
N ALA B 17 8.48 -25.09 10.09
CA ALA B 17 7.50 -25.32 9.04
C ALA B 17 8.16 -25.83 7.75
N TRP B 18 9.33 -25.33 7.44
CA TRP B 18 10.04 -25.62 6.20
C TRP B 18 11.48 -25.21 6.41
N GLY B 19 12.39 -25.97 5.85
CA GLY B 19 13.76 -25.54 5.89
C GLY B 19 14.70 -26.33 5.02
N ASP B 20 15.48 -25.67 4.18
CA ASP B 20 16.54 -26.38 3.47
C ASP B 20 17.91 -26.14 4.11
N ALA B 21 17.99 -25.30 5.13
CA ALA B 21 19.14 -25.33 6.03
C ALA B 21 19.07 -26.58 6.90
N ASP B 22 20.18 -26.90 7.54
CA ASP B 22 20.23 -27.94 8.55
C ASP B 22 19.87 -27.33 9.89
N TYR B 23 18.98 -27.98 10.66
CA TYR B 23 18.53 -27.42 11.92
C TYR B 23 18.34 -28.52 12.96
N GLU B 24 18.68 -28.19 14.21
CA GLU B 24 18.41 -29.09 15.32
C GLU B 24 18.21 -28.22 16.54
N LEU B 25 17.29 -28.64 17.40
CA LEU B 25 17.01 -27.98 18.67
C LEU B 25 17.91 -28.62 19.71
N ALA B 26 18.88 -27.87 20.20
CA ALA B 26 19.86 -28.42 21.14
C ALA B 26 20.16 -27.35 22.18
N ASP B 27 20.22 -27.77 23.45
CA ASP B 27 20.54 -26.86 24.55
C ASP B 27 19.63 -25.64 24.51
N GLY B 28 18.37 -25.87 24.17
CA GLY B 28 17.36 -24.85 24.17
C GLY B 28 17.42 -23.84 23.03
N GLN B 29 18.28 -24.05 22.04
CA GLN B 29 18.41 -23.15 20.89
C GLN B 29 18.23 -23.90 19.59
N TRP B 30 17.73 -23.21 18.57
CA TRP B 30 17.69 -23.78 17.24
C TRP B 30 19.07 -23.53 16.62
N LYS B 31 19.85 -24.61 16.42
CA LYS B 31 21.20 -24.53 15.88
C LYS B 31 21.13 -24.78 14.37
N LEU B 32 21.58 -23.81 13.59
CA LEU B 32 21.40 -23.85 12.15
C LEU B 32 22.74 -23.91 11.44
N SER B 33 22.75 -24.63 10.31
CA SER B 33 23.90 -24.70 9.43
C SER B 33 23.43 -24.53 7.98
N PHE B 34 24.13 -23.67 7.24
CA PHE B 34 23.71 -23.34 5.89
C PHE B 34 24.79 -23.78 4.91
N ALA B 35 24.39 -24.52 3.90
CA ALA B 35 25.34 -25.02 2.92
C ALA B 35 25.33 -24.27 1.60
N LYS B 36 24.21 -23.66 1.25
CA LYS B 36 24.13 -22.96 -0.03
C LYS B 36 23.46 -21.61 0.14
N GLN B 37 23.66 -20.74 -0.83
CA GLN B 37 23.05 -19.41 -0.88
C GLN B 37 21.53 -19.58 -0.80
N TYR B 38 20.93 -18.74 0.02
CA TYR B 38 19.48 -18.62 0.22
C TYR B 38 18.90 -19.80 1.00
N ASN B 39 19.73 -20.73 1.47
CA ASN B 39 19.28 -21.71 2.46
C ASN B 39 18.64 -20.96 3.64
N GLN B 40 17.59 -21.55 4.19
CA GLN B 40 16.80 -20.84 5.18
C GLN B 40 15.92 -21.82 5.96
N VAL B 41 15.37 -21.29 7.07
CA VAL B 41 14.41 -22.01 7.90
C VAL B 41 13.22 -21.09 8.11
N LYS B 42 12.03 -21.69 8.16
CA LYS B 42 10.80 -20.98 8.44
C LYS B 42 10.15 -21.65 9.65
N TRP B 43 9.80 -20.87 10.67
CA TRP B 43 9.15 -21.38 11.87
C TRP B 43 7.73 -20.83 12.00
N THR B 44 6.79 -21.69 12.39
CA THR B 44 5.44 -21.28 12.70
C THR B 44 5.34 -20.78 14.13
N LEU B 45 4.54 -19.74 14.32
CA LEU B 45 4.30 -19.21 15.66
C LEU B 45 3.23 -20.05 16.35
N PRO B 46 3.29 -20.18 17.67
CA PRO B 46 2.23 -20.95 18.36
C PRO B 46 0.83 -20.38 18.14
N GLU B 47 0.72 -19.08 17.83
CA GLU B 47 -0.56 -18.37 17.69
C GLU B 47 -0.28 -17.24 16.72
N SER B 48 -1.15 -16.96 15.78
CA SER B 48 -0.81 -15.82 14.96
C SER B 48 -1.20 -14.53 15.66
N ILE B 49 -0.50 -13.48 15.28
CA ILE B 49 -0.57 -12.14 15.82
C ILE B 49 -0.92 -11.25 14.64
N GLU B 50 -1.94 -10.42 14.81
CA GLU B 50 -2.33 -9.52 13.73
C GLU B 50 -1.20 -8.57 13.43
N MET B 51 -0.91 -8.44 12.15
CA MET B 51 0.15 -7.54 11.76
C MET B 51 -0.11 -6.12 12.23
N SER B 52 -1.34 -5.59 12.12
CA SER B 52 -1.50 -4.17 12.46
C SER B 52 -1.20 -3.89 13.93
N GLN B 53 -1.15 -4.93 14.79
CA GLN B 53 -0.90 -4.72 16.22
C GLN B 53 0.57 -4.68 16.59
N VAL B 54 1.48 -5.00 15.67
CA VAL B 54 2.88 -5.25 16.04
C VAL B 54 3.74 -4.04 15.71
N ASN B 55 4.48 -3.55 16.71
CA ASN B 55 5.41 -2.48 16.44
C ASN B 55 6.77 -3.00 16.02
N ALA B 56 7.25 -4.08 16.63
CA ALA B 56 8.60 -4.52 16.41
C ALA B 56 8.68 -6.02 16.63
N VAL B 57 9.51 -6.67 15.82
CA VAL B 57 9.85 -8.08 16.00
C VAL B 57 11.36 -8.17 16.21
N THR B 58 11.79 -8.72 17.35
CA THR B 58 13.21 -8.78 17.68
C THR B 58 13.67 -10.24 17.74
N PHE B 59 14.67 -10.56 16.93
CA PHE B 59 15.27 -11.88 16.88
C PHE B 59 16.52 -11.86 17.74
N GLN B 60 16.62 -12.77 18.68
CA GLN B 60 17.82 -12.94 19.48
C GLN B 60 18.57 -14.17 18.98
N VAL B 61 19.86 -13.98 18.67
CA VAL B 61 20.72 -15.03 18.15
C VAL B 61 21.97 -15.18 19.01
N ALA B 62 22.67 -16.29 18.80
CA ALA B 62 23.92 -16.58 19.50
C ALA B 62 24.83 -17.34 18.56
N ASP B 63 26.13 -17.24 18.81
CA ASP B 63 27.15 -17.95 18.02
C ASP B 63 27.00 -17.69 16.52
N GLN B 64 26.72 -16.44 16.17
CA GLN B 64 26.52 -16.07 14.77
C GLN B 64 27.87 -16.05 14.05
N LYS B 65 28.00 -16.87 13.02
CA LYS B 65 29.23 -16.98 12.26
C LYS B 65 29.06 -16.62 10.80
N VAL B 66 27.94 -15.99 10.43
CA VAL B 66 27.67 -15.57 9.06
C VAL B 66 26.65 -14.44 9.11
N PRO B 67 26.69 -13.44 8.21
CA PRO B 67 25.59 -12.46 8.18
C PRO B 67 24.27 -13.14 7.88
N ILE B 68 23.19 -12.65 8.49
CA ILE B 68 21.89 -13.31 8.36
C ILE B 68 20.85 -12.33 7.82
N SER B 69 19.82 -12.91 7.22
CA SER B 69 18.61 -12.24 6.78
C SER B 69 17.44 -12.74 7.61
N LEU B 70 16.57 -11.82 8.00
CA LEU B 70 15.46 -12.10 8.90
C LEU B 70 14.16 -11.79 8.18
N LYS B 71 13.16 -12.62 8.40
CA LYS B 71 11.87 -12.51 7.72
C LYS B 71 10.70 -12.62 8.68
N VAL B 72 9.69 -11.78 8.47
CA VAL B 72 8.42 -11.85 9.14
C VAL B 72 7.37 -12.13 8.07
N TYR B 73 6.77 -13.31 8.14
CA TYR B 73 5.78 -13.70 7.14
C TYR B 73 4.41 -13.20 7.53
N ASN B 74 3.56 -12.95 6.54
CA ASN B 74 2.16 -12.58 6.81
C ASN B 74 1.24 -13.31 5.84
N GLY B 75 1.47 -14.61 5.69
CA GLY B 75 0.54 -15.51 5.05
C GLY B 75 0.86 -15.87 3.64
N GLY B 76 1.85 -15.22 3.02
CA GLY B 76 2.22 -15.52 1.66
C GLY B 76 3.25 -16.61 1.56
N ASP B 77 3.60 -16.93 0.29
CA ASP B 77 4.59 -17.96 0.03
C ASP B 77 5.99 -17.54 0.49
N ASP B 78 6.25 -16.23 0.50
CA ASP B 78 7.47 -15.67 1.05
C ASP B 78 7.13 -14.41 1.83
N ALA B 79 8.10 -13.95 2.61
CA ALA B 79 7.94 -12.68 3.31
C ALA B 79 8.04 -11.55 2.30
N THR B 80 7.29 -10.48 2.54
CA THR B 80 7.44 -9.31 1.67
C THR B 80 8.78 -8.61 1.91
N ALA B 81 9.20 -7.82 0.91
CA ALA B 81 10.47 -7.11 1.03
C ALA B 81 10.47 -6.14 2.22
N ALA B 82 9.34 -5.50 2.48
CA ALA B 82 9.22 -4.59 3.63
C ALA B 82 9.38 -5.31 4.97
N ASN B 83 9.13 -6.62 5.00
CA ASN B 83 9.19 -7.40 6.22
C ASN B 83 10.42 -8.30 6.28
N THR B 84 11.48 -7.94 5.55
CA THR B 84 12.73 -8.67 5.47
C THR B 84 13.88 -7.68 5.63
N GLN B 85 14.92 -8.07 6.37
CA GLN B 85 16.15 -7.28 6.41
C GLN B 85 17.27 -8.23 6.06
N TYR B 86 18.25 -7.78 5.28
CA TYR B 86 19.29 -8.63 4.78
C TYR B 86 20.68 -8.23 5.28
N GLY B 87 21.57 -9.22 5.36
CA GLY B 87 22.99 -9.02 5.59
C GLY B 87 23.36 -8.45 6.93
N LEU B 88 22.64 -8.87 7.98
CA LEU B 88 22.81 -8.32 9.32
C LEU B 88 23.91 -9.06 10.06
N SER B 89 24.77 -8.30 10.74
CA SER B 89 25.88 -8.85 11.50
C SER B 89 26.19 -7.91 12.66
N GLY B 90 26.87 -8.46 13.66
CA GLY B 90 27.47 -7.68 14.72
C GLY B 90 26.61 -7.44 15.94
N GLN B 91 25.40 -8.01 16.01
CA GLN B 91 24.53 -7.83 17.15
C GLN B 91 24.02 -9.20 17.57
N THR B 92 23.60 -9.32 18.83
CA THR B 92 22.91 -10.55 19.24
C THR B 92 21.40 -10.38 19.24
N GLU B 93 20.92 -9.15 19.02
CA GLU B 93 19.48 -8.87 18.88
C GLU B 93 19.29 -7.94 17.70
N TYR B 94 18.39 -8.31 16.79
CA TYR B 94 18.08 -7.53 15.63
C TYR B 94 16.58 -7.26 15.58
N THR B 95 16.19 -6.06 15.17
CA THR B 95 14.78 -5.66 15.19
C THR B 95 14.30 -5.38 13.78
N ILE B 96 13.13 -5.94 13.44
CA ILE B 96 12.42 -5.61 12.22
C ILE B 96 11.13 -4.90 12.64
N ASN B 97 10.81 -3.79 11.99
CA ASN B 97 9.53 -3.15 12.26
C ASN B 97 8.60 -3.48 11.09
N PRO B 98 7.72 -4.47 11.21
CA PRO B 98 6.96 -4.98 10.07
C PRO B 98 5.74 -4.14 9.74
N SER B 99 5.26 -4.29 8.51
CA SER B 99 4.08 -3.56 8.07
C SER B 99 3.34 -4.40 7.05
N GLY B 100 2.03 -4.16 6.95
CA GLY B 100 1.19 -4.75 5.93
C GLY B 100 -0.08 -5.33 6.52
N ASP B 101 -0.73 -6.21 5.77
CA ASP B 101 -2.04 -6.71 6.15
C ASP B 101 -1.96 -8.12 6.73
N GLY B 102 -3.08 -8.55 7.30
CA GLY B 102 -3.22 -9.92 7.72
C GLY B 102 -2.56 -10.19 9.06
N ALA B 103 -2.20 -11.46 9.27
CA ALA B 103 -1.65 -11.92 10.53
C ALA B 103 -0.24 -12.46 10.31
N ILE B 104 0.63 -12.25 11.29
CA ILE B 104 1.96 -12.86 11.27
C ILE B 104 1.77 -14.31 11.64
N ASP B 105 2.13 -15.21 10.74
CA ASP B 105 2.00 -16.64 10.99
C ASP B 105 3.35 -17.33 11.16
N ALA B 106 4.44 -16.69 10.79
CA ALA B 106 5.74 -17.35 10.80
C ALA B 106 6.86 -16.31 10.75
N VAL B 107 8.08 -16.77 11.09
CA VAL B 107 9.31 -16.01 10.94
C VAL B 107 10.36 -16.91 10.31
N GLY B 108 11.44 -16.29 9.82
CA GLY B 108 12.48 -17.06 9.16
C GLY B 108 13.85 -16.41 9.27
N ILE B 109 14.87 -17.25 9.06
CA ILE B 109 16.26 -16.84 8.98
C ILE B 109 16.82 -17.45 7.71
N MET B 110 17.57 -16.66 6.94
CA MET B 110 18.14 -17.05 5.66
C MET B 110 19.56 -16.48 5.53
N ILE B 111 20.41 -17.09 4.70
CA ILE B 111 21.70 -16.48 4.36
C ILE B 111 21.70 -16.06 2.91
N THR B 112 22.42 -14.97 2.61
CA THR B 112 22.60 -14.51 1.25
C THR B 112 24.01 -14.76 0.72
N GLU B 113 24.90 -15.29 1.55
CA GLU B 113 26.26 -15.57 1.09
C GLU B 113 26.28 -16.59 -0.04
N ASP B 114 26.99 -16.25 -1.14
CA ASP B 114 27.00 -17.10 -2.34
C ASP B 114 27.80 -18.39 -2.15
N LYS B 115 28.85 -18.40 -1.34
CA LYS B 115 29.65 -19.62 -1.11
C LYS B 115 29.90 -19.81 0.38
N PRO B 116 28.89 -20.30 1.10
CA PRO B 116 29.02 -20.44 2.56
C PRO B 116 30.13 -21.41 2.95
N GLU B 117 30.82 -21.07 4.02
CA GLU B 117 31.78 -21.97 4.65
C GLU B 117 31.69 -21.76 6.15
N ASN B 118 31.45 -22.83 6.90
CA ASN B 118 31.22 -22.75 8.35
C ASN B 118 30.20 -21.67 8.68
N ALA B 119 29.11 -21.68 7.92
CA ALA B 119 28.05 -20.70 8.07
C ALA B 119 27.01 -21.26 9.04
N THR B 120 27.06 -20.79 10.29
CA THR B 120 26.20 -21.32 11.34
C THR B 120 25.72 -20.15 12.21
N VAL B 121 24.59 -20.37 12.87
CA VAL B 121 24.03 -19.41 13.83
C VAL B 121 23.03 -20.18 14.68
N SER B 122 22.76 -19.66 15.88
CA SER B 122 21.74 -20.21 16.75
C SER B 122 20.64 -19.19 16.99
N LEU B 123 19.38 -19.63 16.94
CA LEU B 123 18.26 -18.78 17.29
C LEU B 123 17.88 -19.04 18.73
N VAL B 124 17.84 -17.97 19.53
CA VAL B 124 17.50 -18.02 20.96
C VAL B 124 16.03 -17.74 21.18
N SER B 125 15.52 -16.67 20.60
CA SER B 125 14.15 -16.28 20.88
C SER B 125 13.70 -15.28 19.82
N VAL B 126 12.38 -15.13 19.71
CA VAL B 126 11.76 -14.09 18.90
C VAL B 126 10.71 -13.40 19.75
N THR B 127 10.76 -12.07 19.78
CA THR B 127 9.90 -11.25 20.61
C THR B 127 9.05 -10.32 19.75
N PHE B 128 7.74 -10.29 19.99
CA PHE B 128 6.81 -9.39 19.33
C PHE B 128 6.39 -8.33 20.32
N GLU B 129 6.75 -7.08 20.07
CA GLU B 129 6.30 -5.97 20.89
C GLU B 129 5.13 -5.27 20.21
N LEU B 130 4.01 -5.18 20.90
CA LEU B 130 2.81 -4.63 20.30
C LEU B 130 2.84 -3.10 20.40
N LYS B 131 2.12 -2.47 19.48
CA LYS B 131 2.01 -1.01 19.53
C LYS B 131 1.34 -0.54 20.81
N ALA B 132 1.75 0.64 21.28
CA ALA B 132 1.08 1.25 22.41
C ALA B 132 -0.39 1.37 22.08
N GLY B 133 -1.25 1.08 23.05
CA GLY B 133 -2.69 1.11 22.79
C GLY B 133 -3.23 -0.02 21.96
N ALA B 134 -2.41 -1.03 21.62
CA ALA B 134 -2.88 -2.14 20.82
C ALA B 134 -3.37 -3.32 21.66
N GLY B 135 -3.13 -3.29 22.96
CA GLY B 135 -3.72 -4.27 23.86
C GLY B 135 -3.05 -5.63 23.80
N GLY C 4 24.07 14.23 0.53
CA GLY C 4 24.25 13.64 -0.78
C GLY C 4 22.95 13.24 -1.47
N VAL C 5 22.73 11.93 -1.62
CA VAL C 5 21.53 11.46 -2.29
C VAL C 5 20.31 11.73 -1.42
N LYS C 6 19.21 12.11 -2.06
CA LYS C 6 17.97 12.42 -1.37
C LYS C 6 16.99 11.31 -1.68
N LYS C 7 16.46 10.67 -0.64
CA LYS C 7 15.33 9.79 -0.79
C LYS C 7 14.08 10.57 -0.38
N VAL C 8 13.18 10.78 -1.33
CA VAL C 8 12.00 11.62 -1.12
C VAL C 8 10.77 10.72 -1.13
N PHE C 9 9.94 10.83 -0.10
CA PHE C 9 8.67 10.11 -0.02
C PHE C 9 7.56 11.14 0.01
N THR C 10 6.72 11.15 -1.00
CA THR C 10 5.55 12.02 -0.96
C THR C 10 4.49 11.33 -0.08
N ALA C 11 3.47 12.11 0.31
CA ALA C 11 2.48 11.64 1.26
C ALA C 11 1.85 10.31 0.84
N ASP C 12 1.53 10.16 -0.44
CA ASP C 12 0.89 8.92 -0.87
C ASP C 12 1.80 7.70 -0.77
N GLN C 13 3.10 7.87 -0.49
CA GLN C 13 3.98 6.72 -0.29
C GLN C 13 4.10 6.32 1.17
N LEU C 14 3.48 7.07 2.07
CA LEU C 14 3.62 6.85 3.51
C LEU C 14 2.34 6.25 4.06
N LYS C 15 2.45 5.08 4.70
CA LYS C 15 1.33 4.39 5.35
C LYS C 15 1.29 4.74 6.83
N VAL C 16 0.10 4.96 7.34
CA VAL C 16 -0.08 5.28 8.75
C VAL C 16 0.08 4.00 9.56
N ALA C 17 1.01 4.02 10.50
CA ALA C 17 1.24 2.93 11.42
C ALA C 17 0.44 3.07 12.71
N TRP C 18 0.24 4.30 13.14
CA TRP C 18 -0.39 4.63 14.42
C TRP C 18 -0.86 6.07 14.34
N GLY C 19 -2.02 6.35 14.92
CA GLY C 19 -2.49 7.72 15.00
C GLY C 19 -3.72 7.91 15.86
N ASP C 20 -3.63 8.80 16.87
CA ASP C 20 -4.81 9.24 17.60
C ASP C 20 -5.26 10.63 17.15
N ALA C 21 -4.53 11.27 16.22
CA ALA C 21 -5.07 12.38 15.46
C ALA C 21 -6.06 11.88 14.39
N ASP C 22 -6.84 12.80 13.81
CA ASP C 22 -7.72 12.52 12.67
C ASP C 22 -6.85 12.69 11.42
N TYR C 23 -6.88 11.73 10.49
CA TYR C 23 -6.01 11.85 9.31
C TYR C 23 -6.72 11.31 8.07
N GLU C 24 -6.46 11.94 6.94
CA GLU C 24 -6.92 11.39 5.68
C GLU C 24 -6.01 11.85 4.54
N LEU C 25 -5.79 10.96 3.58
CA LEU C 25 -5.03 11.30 2.39
C LEU C 25 -6.00 11.88 1.38
N ALA C 26 -5.88 13.18 1.09
CA ALA C 26 -6.78 13.84 0.16
C ALA C 26 -5.92 14.79 -0.68
N ASP C 27 -6.18 14.79 -1.98
CA ASP C 27 -5.46 15.65 -2.92
C ASP C 27 -3.96 15.50 -2.78
N GLY C 28 -3.53 14.25 -2.56
CA GLY C 28 -2.13 13.90 -2.52
C GLY C 28 -1.38 14.28 -1.25
N GLN C 29 -2.07 14.77 -0.22
CA GLN C 29 -1.44 15.17 1.03
C GLN C 29 -2.14 14.47 2.19
N TRP C 30 -1.39 14.26 3.27
CA TRP C 30 -2.00 13.76 4.50
C TRP C 30 -2.57 14.96 5.28
N LYS C 31 -3.88 15.05 5.37
CA LYS C 31 -4.54 16.16 6.04
C LYS C 31 -4.84 15.73 7.48
N LEU C 32 -4.29 16.45 8.45
CA LEU C 32 -4.36 16.06 9.85
C LEU C 32 -5.16 17.08 10.67
N SER C 33 -5.87 16.57 11.67
CA SER C 33 -6.56 17.40 12.64
C SER C 33 -6.29 16.82 14.02
N PHE C 34 -5.99 17.68 14.99
CA PHE C 34 -5.60 17.27 16.33
C PHE C 34 -6.61 17.81 17.34
N ALA C 35 -7.17 16.92 18.17
CA ALA C 35 -8.17 17.35 19.13
C ALA C 35 -7.62 17.49 20.53
N LYS C 36 -6.57 16.77 20.88
CA LYS C 36 -6.01 16.89 22.24
C LYS C 36 -4.48 16.96 22.24
N GLN C 37 -3.92 17.48 23.31
CA GLN C 37 -2.47 17.52 23.50
C GLN C 37 -1.82 16.14 23.32
N TYR C 38 -0.72 16.13 22.58
CA TYR C 38 0.13 14.98 22.24
C TYR C 38 -0.53 14.07 21.22
N ASN C 39 -1.68 14.45 20.67
CA ASN C 39 -2.23 13.73 19.53
C ASN C 39 -1.17 13.73 18.41
N GLN C 40 -1.08 12.64 17.66
CA GLN C 40 0.02 12.49 16.72
C GLN C 40 -0.32 11.40 15.72
N VAL C 41 0.49 11.37 14.66
CA VAL C 41 0.46 10.34 13.63
C VAL C 41 1.87 9.83 13.40
N LYS C 42 1.99 8.54 13.14
CA LYS C 42 3.24 7.86 12.79
C LYS C 42 3.06 7.19 11.43
N TRP C 43 3.99 7.44 10.50
CA TRP C 43 3.95 6.83 9.18
C TRP C 43 5.15 5.89 9.00
N THR C 44 4.91 4.72 8.45
CA THR C 44 6.05 3.87 8.14
C THR C 44 6.59 4.20 6.76
N LEU C 45 7.89 4.15 6.64
CA LEU C 45 8.57 4.34 5.38
C LEU C 45 8.44 3.06 4.55
N PRO C 46 8.38 3.19 3.22
CA PRO C 46 8.32 1.98 2.39
C PRO C 46 9.56 1.12 2.53
N GLU C 47 10.69 1.69 2.92
CA GLU C 47 11.96 0.98 3.06
C GLU C 47 12.65 1.60 4.28
N SER C 48 13.23 0.78 5.16
CA SER C 48 13.96 1.41 6.26
C SER C 48 15.32 1.95 5.73
N ILE C 49 15.83 2.96 6.42
CA ILE C 49 17.04 3.66 6.02
C ILE C 49 18.00 3.68 7.20
N GLU C 50 19.25 3.29 6.96
CA GLU C 50 20.20 3.22 8.06
C GLU C 50 20.46 4.61 8.63
N MET C 51 20.29 4.73 9.94
CA MET C 51 20.47 6.01 10.61
C MET C 51 21.86 6.58 10.39
N SER C 52 22.89 5.73 10.49
CA SER C 52 24.27 6.12 10.24
C SER C 52 24.43 6.90 8.93
N GLN C 53 23.64 6.57 7.92
CA GLN C 53 23.82 7.15 6.59
C GLN C 53 23.08 8.45 6.36
N VAL C 54 22.27 8.93 7.32
CA VAL C 54 21.36 10.04 7.09
C VAL C 54 21.95 11.30 7.69
N ASN C 55 22.04 12.35 6.88
CA ASN C 55 22.49 13.63 7.38
C ASN C 55 21.38 14.53 7.87
N ALA C 56 20.25 14.57 7.16
CA ALA C 56 19.16 15.47 7.50
C ALA C 56 17.86 14.87 7.02
N VAL C 57 16.79 15.15 7.76
CA VAL C 57 15.41 14.77 7.39
C VAL C 57 14.60 16.05 7.30
N THR C 58 14.01 16.29 6.13
CA THR C 58 13.25 17.52 5.89
C THR C 58 11.77 17.20 5.71
N PHE C 59 10.94 17.79 6.55
CA PHE C 59 9.50 17.61 6.45
C PHE C 59 8.89 18.82 5.73
N GLN C 60 8.13 18.57 4.67
CA GLN C 60 7.39 19.63 3.98
C GLN C 60 5.92 19.56 4.34
N VAL C 61 5.38 20.70 4.79
CA VAL C 61 4.00 20.82 5.23
C VAL C 61 3.32 21.94 4.47
N ALA C 62 1.99 21.97 4.59
CA ALA C 62 1.17 23.02 3.99
C ALA C 62 0.00 23.31 4.92
N ASP C 63 -0.50 24.54 4.85
CA ASP C 63 -1.68 24.94 5.63
C ASP C 63 -1.52 24.63 7.11
N GLN C 64 -0.34 24.92 7.64
CA GLN C 64 -0.08 24.69 9.04
C GLN C 64 -0.80 25.74 9.88
N LYS C 65 -1.65 25.28 10.79
CA LYS C 65 -2.43 26.14 11.67
C LYS C 65 -2.15 25.92 13.15
N VAL C 66 -1.09 25.19 13.48
CA VAL C 66 -0.70 24.93 14.86
C VAL C 66 0.80 24.64 14.87
N PRO C 67 1.57 25.04 15.89
CA PRO C 67 2.97 24.58 15.96
C PRO C 67 3.02 23.06 16.03
N ILE C 68 4.04 22.47 15.38
CA ILE C 68 4.16 21.01 15.31
C ILE C 68 5.50 20.53 15.85
N SER C 69 5.48 19.26 16.28
CA SER C 69 6.65 18.51 16.68
C SER C 69 6.91 17.38 15.68
N LEU C 70 8.17 17.17 15.37
CA LEU C 70 8.57 16.23 14.33
C LEU C 70 9.43 15.15 14.93
N LYS C 71 9.21 13.90 14.48
CA LYS C 71 9.83 12.72 15.05
C LYS C 71 10.43 11.85 13.95
N VAL C 72 11.63 11.36 14.20
CA VAL C 72 12.29 10.36 13.35
C VAL C 72 12.49 9.13 14.23
N TYR C 73 11.80 8.04 13.90
CA TYR C 73 11.86 6.81 14.68
C TYR C 73 13.01 5.94 14.18
N ASN C 74 13.59 5.16 15.09
CA ASN C 74 14.65 4.23 14.71
C ASN C 74 14.42 2.89 15.41
N GLY C 75 13.19 2.40 15.35
CA GLY C 75 12.85 1.01 15.69
C GLY C 75 12.27 0.79 17.06
N GLY C 76 12.30 1.82 17.92
CA GLY C 76 11.82 1.76 19.28
C GLY C 76 10.35 2.12 19.45
N ASP C 77 9.92 2.14 20.72
CA ASP C 77 8.52 2.45 21.02
C ASP C 77 8.15 3.92 20.76
N ASP C 78 9.08 4.83 20.97
CA ASP C 78 8.88 6.23 20.63
C ASP C 78 10.16 6.71 19.98
N ALA C 79 10.11 7.88 19.38
CA ALA C 79 11.33 8.48 18.85
C ALA C 79 12.15 8.97 20.04
N THR C 80 13.46 8.90 19.90
CA THR C 80 14.33 9.42 20.95
C THR C 80 14.27 10.94 21.01
N ALA C 81 14.63 11.50 22.18
CA ALA C 81 14.63 12.96 22.29
C ALA C 81 15.57 13.59 21.27
N ALA C 82 16.69 12.93 20.99
CA ALA C 82 17.64 13.49 20.02
C ALA C 82 17.04 13.59 18.63
N ASN C 83 16.04 12.75 18.33
CA ASN C 83 15.42 12.64 17.02
C ASN C 83 14.03 13.28 16.98
N THR C 84 13.79 14.21 17.90
CA THR C 84 12.53 14.94 18.00
C THR C 84 12.83 16.43 18.14
N GLN C 85 12.04 17.26 17.45
CA GLN C 85 12.06 18.71 17.61
C GLN C 85 10.66 19.22 17.89
N TYR C 86 10.54 20.15 18.82
CA TYR C 86 9.23 20.54 19.29
C TYR C 86 8.88 21.98 18.99
N GLY C 87 7.58 22.22 18.85
CA GLY C 87 7.01 23.56 18.80
C GLY C 87 7.43 24.36 17.60
N LEU C 88 7.52 23.72 16.42
CA LEU C 88 7.99 24.36 15.21
C LEU C 88 6.86 25.10 14.50
N SER C 89 7.17 26.34 14.10
CA SER C 89 6.21 27.21 13.43
C SER C 89 6.97 28.08 12.45
N GLY C 90 6.25 28.61 11.47
CA GLY C 90 6.80 29.64 10.60
C GLY C 90 7.43 29.20 9.29
N GLN C 91 7.46 27.89 8.98
CA GLN C 91 8.06 27.41 7.74
C GLN C 91 7.19 26.36 7.07
N THR C 92 7.41 26.17 5.77
CA THR C 92 6.80 25.05 5.05
C THR C 92 7.75 23.88 4.91
N GLU C 93 9.01 24.04 5.28
CA GLU C 93 10.00 22.97 5.29
C GLU C 93 10.78 23.07 6.58
N TYR C 94 10.86 21.97 7.31
CA TYR C 94 11.59 21.90 8.56
C TYR C 94 12.60 20.77 8.48
N THR C 95 13.82 21.05 8.91
CA THR C 95 14.91 20.08 8.76
C THR C 95 15.39 19.69 10.15
N ILE C 96 15.46 18.39 10.36
CA ILE C 96 15.95 17.74 11.57
C ILE C 96 17.25 17.04 11.23
N ASN C 97 18.24 17.11 12.13
CA ASN C 97 19.46 16.32 11.98
C ASN C 97 19.43 15.14 12.95
N PRO C 98 19.16 13.92 12.50
CA PRO C 98 18.98 12.81 13.45
C PRO C 98 20.31 12.22 13.88
N SER C 99 20.26 11.45 14.96
CA SER C 99 21.46 10.79 15.45
C SER C 99 21.04 9.51 16.18
N GLY C 100 21.93 8.52 16.16
CA GLY C 100 21.82 7.33 16.94
C GLY C 100 21.98 6.08 16.10
N ASP C 101 21.54 4.96 16.61
CA ASP C 101 21.82 3.68 15.96
C ASP C 101 20.60 3.10 15.28
N GLY C 102 20.86 2.03 14.55
CA GLY C 102 19.82 1.23 13.97
C GLY C 102 19.31 1.85 12.68
N ALA C 103 18.06 1.50 12.34
CA ALA C 103 17.47 1.90 11.08
C ALA C 103 16.20 2.72 11.29
N ILE C 104 16.03 3.73 10.42
CA ILE C 104 14.82 4.55 10.42
C ILE C 104 13.69 3.77 9.79
N ASP C 105 12.61 3.56 10.55
CA ASP C 105 11.47 2.84 10.05
C ASP C 105 10.24 3.72 9.85
N ALA C 106 10.22 4.91 10.44
CA ALA C 106 9.01 5.72 10.45
C ALA C 106 9.34 7.14 10.82
N VAL C 107 8.40 8.04 10.55
CA VAL C 107 8.47 9.44 10.98
C VAL C 107 7.11 9.79 11.59
N GLY C 108 7.09 10.90 12.33
CA GLY C 108 5.86 11.34 12.97
C GLY C 108 5.70 12.84 13.12
N ILE C 109 4.44 13.24 13.29
CA ILE C 109 4.05 14.60 13.61
C ILE C 109 3.11 14.54 14.81
N MET C 110 3.32 15.45 15.77
CA MET C 110 2.60 15.54 17.05
C MET C 110 2.35 17.01 17.38
N ILE C 111 1.29 17.29 18.16
CA ILE C 111 1.11 18.65 18.69
C ILE C 111 1.36 18.62 20.18
N THR C 112 1.91 19.73 20.69
CA THR C 112 2.12 19.89 22.12
C THR C 112 1.18 20.89 22.74
N GLU C 113 0.32 21.52 21.95
CA GLU C 113 -0.60 22.53 22.45
C GLU C 113 -1.54 21.94 23.49
N ASP C 114 -1.67 22.67 24.61
CA ASP C 114 -2.43 22.12 25.72
C ASP C 114 -3.90 21.94 25.35
N LYS C 115 -4.52 22.92 24.70
CA LYS C 115 -5.98 22.89 24.39
C LYS C 115 -6.18 23.23 22.91
N PRO C 116 -5.99 22.28 21.99
CA PRO C 116 -6.06 22.66 20.55
C PRO C 116 -7.44 23.15 20.17
N GLU C 117 -7.47 24.13 19.28
CA GLU C 117 -8.69 24.57 18.62
C GLU C 117 -8.34 24.90 17.17
N ASN C 118 -9.04 24.22 16.27
CA ASN C 118 -8.78 24.23 14.84
C ASN C 118 -7.31 23.98 14.52
N ALA C 119 -6.78 22.94 15.13
CA ALA C 119 -5.36 22.59 15.01
C ALA C 119 -5.20 21.62 13.84
N THR C 120 -4.80 22.14 12.69
CA THR C 120 -4.68 21.31 11.49
C THR C 120 -3.39 21.63 10.75
N VAL C 121 -2.95 20.65 9.94
CA VAL C 121 -1.78 20.81 9.08
C VAL C 121 -1.84 19.70 8.03
N SER C 122 -1.19 19.94 6.88
CA SER C 122 -1.05 18.91 5.87
C SER C 122 0.41 18.53 5.70
N LEU C 123 0.66 17.22 5.61
CA LEU C 123 1.98 16.73 5.28
C LEU C 123 2.10 16.51 3.78
N VAL C 124 3.12 17.11 3.19
CA VAL C 124 3.38 17.05 1.75
C VAL C 124 4.37 15.96 1.41
N SER C 125 5.51 15.94 2.11
CA SER C 125 6.59 15.01 1.77
C SER C 125 7.58 14.97 2.93
N VAL C 126 8.39 13.92 2.92
CA VAL C 126 9.51 13.79 3.85
C VAL C 126 10.73 13.37 3.04
N THR C 127 11.85 14.07 3.24
CA THR C 127 13.06 13.88 2.46
C THR C 127 14.18 13.49 3.38
N PHE C 128 14.87 12.39 3.04
CA PHE C 128 16.07 11.91 3.74
C PHE C 128 17.27 12.26 2.88
N GLU C 129 18.06 13.16 3.45
CA GLU C 129 19.28 13.65 2.85
C GLU C 129 20.44 12.78 3.32
N LEU C 130 21.03 12.05 2.39
CA LEU C 130 21.98 11.05 2.88
C LEU C 130 23.33 11.74 3.02
N LYS C 131 24.18 11.18 3.89
CA LYS C 131 25.54 11.70 3.98
C LYS C 131 26.24 11.49 2.64
N ALA C 132 27.11 12.43 2.25
CA ALA C 132 27.81 12.31 0.97
C ALA C 132 28.46 10.93 0.89
N GLY C 133 28.25 10.24 -0.22
CA GLY C 133 28.85 8.96 -0.46
C GLY C 133 28.29 7.80 0.34
N ALA C 134 27.11 7.98 0.96
CA ALA C 134 26.46 6.90 1.70
C ALA C 134 26.40 5.64 0.86
N MET D 3 17.15 -1.96 -8.26
CA MET D 3 17.49 -1.92 -9.68
C MET D 3 17.39 -0.52 -10.28
N GLY D 4 17.44 0.51 -9.43
CA GLY D 4 17.26 1.85 -9.94
C GLY D 4 17.05 2.91 -8.88
N VAL D 5 17.85 3.96 -8.96
CA VAL D 5 17.74 5.13 -8.08
C VAL D 5 16.56 5.97 -8.54
N LYS D 6 15.87 6.61 -7.58
CA LYS D 6 14.76 7.54 -7.85
C LYS D 6 15.16 8.96 -7.43
N LYS D 7 15.22 9.89 -8.40
CA LYS D 7 15.41 11.30 -8.09
C LYS D 7 14.07 12.02 -8.20
N VAL D 8 13.60 12.55 -7.07
CA VAL D 8 12.26 13.14 -6.95
C VAL D 8 12.37 14.64 -6.78
N PHE D 9 11.60 15.40 -7.57
CA PHE D 9 11.45 16.86 -7.39
C PHE D 9 10.01 17.14 -6.99
N THR D 10 9.82 17.70 -5.80
CA THR D 10 8.47 18.14 -5.48
C THR D 10 8.23 19.48 -6.19
N ALA D 11 6.95 19.86 -6.26
CA ALA D 11 6.55 21.03 -7.03
C ALA D 11 7.37 22.28 -6.65
N ASP D 12 7.59 22.50 -5.36
CA ASP D 12 8.29 23.73 -4.97
C ASP D 12 9.75 23.78 -5.41
N GLN D 13 10.31 22.67 -5.92
CA GLN D 13 11.66 22.64 -6.46
C GLN D 13 11.69 22.92 -7.95
N LEU D 14 10.53 23.06 -8.56
CA LEU D 14 10.40 23.29 -9.98
C LEU D 14 10.02 24.73 -10.31
N LYS D 15 10.85 25.36 -11.10
CA LYS D 15 10.69 26.73 -11.56
C LYS D 15 10.05 26.73 -12.90
N VAL D 16 9.10 27.66 -13.11
CA VAL D 16 8.41 27.77 -14.39
C VAL D 16 9.34 28.47 -15.37
N ALA D 17 9.62 27.83 -16.49
CA ALA D 17 10.42 28.43 -17.54
C ALA D 17 9.52 29.22 -18.50
N TRP D 18 8.33 28.72 -18.76
CA TRP D 18 7.41 29.25 -19.76
C TRP D 18 6.02 28.71 -19.45
N GLY D 19 4.99 29.53 -19.64
CA GLY D 19 3.65 29.04 -19.45
C GLY D 19 2.57 29.97 -19.95
N ASP D 20 1.66 29.48 -20.79
CA ASP D 20 0.50 30.25 -21.16
C ASP D 20 -0.76 29.74 -20.48
N ALA D 21 -0.66 28.65 -19.73
CA ALA D 21 -1.66 28.35 -18.72
C ALA D 21 -1.48 29.28 -17.53
N ASP D 22 -2.46 29.31 -16.67
CA ASP D 22 -2.34 29.99 -15.40
C ASP D 22 -1.69 29.04 -14.39
N TYR D 23 -0.76 29.57 -13.60
CA TYR D 23 -0.04 28.74 -12.64
C TYR D 23 0.27 29.53 -11.37
N GLU D 24 0.11 28.85 -10.24
CA GLU D 24 0.51 29.39 -8.95
C GLU D 24 0.92 28.26 -8.04
N LEU D 25 1.96 28.50 -7.24
CA LEU D 25 2.42 27.52 -6.25
C LEU D 25 1.65 27.79 -4.96
N ALA D 26 0.80 26.86 -4.59
CA ALA D 26 -0.05 26.97 -3.41
C ALA D 26 -0.05 25.62 -2.71
N ASP D 27 0.13 25.65 -1.40
CA ASP D 27 0.13 24.45 -0.58
C ASP D 27 1.12 23.43 -1.09
N GLY D 28 2.25 23.89 -1.59
CA GLY D 28 3.25 22.96 -2.05
C GLY D 28 2.96 22.28 -3.36
N GLN D 29 1.92 22.71 -4.10
CA GLN D 29 1.58 22.15 -5.40
C GLN D 29 1.52 23.25 -6.46
N TRP D 30 1.85 22.89 -7.69
CA TRP D 30 1.65 23.81 -8.81
C TRP D 30 0.20 23.68 -9.26
N LYS D 31 -0.60 24.72 -9.03
CA LYS D 31 -2.02 24.73 -9.37
C LYS D 31 -2.17 25.39 -10.73
N LEU D 32 -2.74 24.62 -11.67
CA LEU D 32 -2.80 25.02 -13.07
C LEU D 32 -4.27 25.19 -13.46
N SER D 33 -4.54 26.19 -14.28
CA SER D 33 -5.85 26.41 -14.87
C SER D 33 -5.60 26.69 -16.34
N PHE D 34 -6.43 26.09 -17.20
CA PHE D 34 -6.23 26.13 -18.65
C PHE D 34 -7.45 26.79 -19.29
N ALA D 35 -7.22 27.83 -20.06
CA ALA D 35 -8.32 28.55 -20.69
C ALA D 35 -8.48 28.21 -22.17
N LYS D 36 -7.45 27.71 -22.81
CA LYS D 36 -7.52 27.48 -24.26
C LYS D 36 -6.78 26.20 -24.64
N GLN D 37 -7.18 25.62 -25.75
CA GLN D 37 -6.52 24.41 -26.26
C GLN D 37 -5.02 24.63 -26.42
N TYR D 38 -4.25 23.64 -25.99
CA TYR D 38 -2.79 23.60 -26.03
C TYR D 38 -2.12 24.55 -25.03
N ASN D 39 -2.89 25.21 -24.15
CA ASN D 39 -2.29 25.94 -23.03
C ASN D 39 -1.42 24.95 -22.25
N GLN D 40 -0.29 25.43 -21.73
CA GLN D 40 0.68 24.52 -21.14
C GLN D 40 1.65 25.28 -20.24
N VAL D 41 2.41 24.52 -19.47
CA VAL D 41 3.48 25.02 -18.61
C VAL D 41 4.70 24.16 -18.86
N LYS D 42 5.88 24.79 -18.82
CA LYS D 42 7.18 24.15 -18.90
C LYS D 42 7.94 24.53 -17.64
N TRP D 43 8.43 23.52 -16.92
CA TRP D 43 9.26 23.74 -15.74
C TRP D 43 10.70 23.29 -16.00
N THR D 44 11.65 24.13 -15.56
CA THR D 44 13.06 23.78 -15.62
C THR D 44 13.45 22.93 -14.41
N LEU D 45 14.24 21.92 -14.65
CA LEU D 45 14.75 21.10 -13.56
C LEU D 45 15.94 21.79 -12.88
N PRO D 46 16.13 21.59 -11.58
CA PRO D 46 17.28 22.20 -10.91
C PRO D 46 18.61 21.81 -11.53
N GLU D 47 18.67 20.64 -12.16
CA GLU D 47 19.86 20.11 -12.80
C GLU D 47 19.43 19.23 -13.96
N SER D 48 20.12 19.35 -15.09
CA SER D 48 19.85 18.50 -16.24
C SER D 48 20.32 17.07 -15.99
N ILE D 49 19.67 16.11 -16.66
CA ILE D 49 19.95 14.68 -16.47
C ILE D 49 20.20 14.04 -17.81
N GLU D 50 21.33 13.33 -17.95
CA GLU D 50 21.63 12.67 -19.21
C GLU D 50 20.55 11.66 -19.57
N MET D 51 20.09 11.73 -20.82
CA MET D 51 19.01 10.89 -21.31
C MET D 51 19.31 9.40 -21.14
N SER D 52 20.55 9.01 -21.49
CA SER D 52 21.00 7.63 -21.30
C SER D 52 20.73 7.09 -19.90
N GLN D 53 20.82 7.91 -18.87
CA GLN D 53 20.66 7.43 -17.48
C GLN D 53 19.19 7.39 -17.03
N VAL D 54 18.24 7.80 -17.83
CA VAL D 54 16.86 7.89 -17.36
C VAL D 54 16.07 6.73 -17.96
N ASN D 55 15.47 5.92 -17.10
CA ASN D 55 14.59 4.85 -17.54
C ASN D 55 13.16 5.36 -17.70
N ALA D 56 12.71 6.20 -16.79
CA ALA D 56 11.31 6.63 -16.78
C ALA D 56 11.15 7.94 -16.03
N VAL D 57 10.13 8.70 -16.41
CA VAL D 57 9.73 9.92 -15.72
C VAL D 57 8.27 9.79 -15.29
N THR D 58 8.01 9.90 -14.00
CA THR D 58 6.65 9.75 -13.48
C THR D 58 6.13 11.05 -12.88
N PHE D 59 4.97 11.50 -13.36
CA PHE D 59 4.32 12.73 -12.92
C PHE D 59 3.21 12.36 -11.93
N GLN D 60 3.26 12.97 -10.74
CA GLN D 60 2.19 12.80 -9.77
C GLN D 60 1.30 14.04 -9.74
N VAL D 61 -0.01 13.85 -9.87
CA VAL D 61 -0.98 14.96 -9.91
C VAL D 61 -2.04 14.81 -8.84
N ALA D 62 -2.80 15.89 -8.64
CA ALA D 62 -3.95 15.88 -7.74
C ALA D 62 -5.02 16.82 -8.28
N ASP D 63 -6.25 16.57 -7.85
CA ASP D 63 -7.40 17.41 -8.22
C ASP D 63 -7.48 17.55 -9.73
N GLN D 64 -7.25 16.46 -10.43
CA GLN D 64 -7.28 16.51 -11.89
C GLN D 64 -8.72 16.62 -12.36
N LYS D 65 -9.06 17.67 -13.12
CA LYS D 65 -10.44 17.91 -13.64
C LYS D 65 -10.45 17.91 -15.17
N VAL D 66 -9.36 17.52 -15.81
CA VAL D 66 -9.30 17.53 -17.26
C VAL D 66 -8.22 16.54 -17.68
N PRO D 67 -8.38 15.84 -18.80
CA PRO D 67 -7.29 15.01 -19.31
C PRO D 67 -6.07 15.86 -19.63
N ILE D 68 -4.89 15.30 -19.38
CA ILE D 68 -3.67 16.07 -19.54
C ILE D 68 -2.69 15.34 -20.46
N SER D 69 -1.79 16.12 -21.03
CA SER D 69 -0.65 15.67 -21.82
C SER D 69 0.62 16.03 -21.06
N LEU D 70 1.59 15.13 -21.12
CA LEU D 70 2.83 15.24 -20.36
C LEU D 70 4.02 15.27 -21.33
N LYS D 71 5.03 16.08 -21.03
CA LYS D 71 6.17 16.31 -21.92
C LYS D 71 7.46 16.18 -21.13
N VAL D 72 8.46 15.54 -21.73
CA VAL D 72 9.83 15.51 -21.22
C VAL D 72 10.68 16.21 -22.28
N TYR D 73 11.27 17.35 -21.91
CA TYR D 73 12.08 18.12 -22.86
C TYR D 73 13.52 17.60 -22.83
N ASN D 74 14.21 17.72 -23.95
CA ASN D 74 15.64 17.37 -23.97
C ASN D 74 16.40 18.44 -24.75
N GLY D 75 16.18 19.71 -24.37
CA GLY D 75 16.98 20.82 -24.83
C GLY D 75 16.34 21.64 -25.91
N GLY D 76 15.22 21.17 -26.48
CA GLY D 76 14.54 21.90 -27.54
C GLY D 76 13.46 22.86 -27.05
N ASP D 77 12.89 23.55 -28.03
CA ASP D 77 11.81 24.49 -27.78
C ASP D 77 10.52 23.77 -27.45
N ASP D 78 10.35 22.56 -27.96
CA ASP D 78 9.22 21.70 -27.60
C ASP D 78 9.77 20.31 -27.32
N ALA D 79 8.94 19.49 -26.69
CA ALA D 79 9.26 18.08 -26.48
C ALA D 79 9.02 17.30 -27.78
N THR D 80 9.84 16.29 -28.02
CA THR D 80 9.58 15.47 -29.18
C THR D 80 8.33 14.65 -28.95
N ALA D 81 7.68 14.26 -30.04
CA ALA D 81 6.45 13.46 -29.91
C ALA D 81 6.73 12.18 -29.16
N ALA D 82 7.93 11.61 -29.35
CA ALA D 82 8.31 10.37 -28.66
C ALA D 82 8.42 10.56 -27.15
N ASN D 83 8.64 11.79 -26.69
CA ASN D 83 8.77 12.13 -25.28
C ASN D 83 7.53 12.81 -24.74
N THR D 84 6.39 12.55 -25.38
CA THR D 84 5.10 13.13 -25.06
C THR D 84 4.03 12.05 -25.01
N GLN D 85 3.10 12.17 -24.07
CA GLN D 85 1.90 11.34 -24.02
C GLN D 85 0.69 12.24 -23.89
N TYR D 86 -0.40 11.90 -24.59
CA TYR D 86 -1.58 12.76 -24.63
C TYR D 86 -2.82 12.12 -24.02
N GLY D 87 -3.73 12.96 -23.54
CA GLY D 87 -5.05 12.54 -23.14
C GLY D 87 -5.12 11.62 -21.93
N LEU D 88 -4.30 11.89 -20.91
CA LEU D 88 -4.21 11.02 -19.74
C LEU D 88 -5.24 11.40 -18.68
N SER D 89 -5.96 10.39 -18.15
CA SER D 89 -6.96 10.63 -17.12
C SER D 89 -7.12 9.37 -16.27
N GLY D 90 -7.66 9.56 -15.10
CA GLY D 90 -8.04 8.45 -14.28
C GLY D 90 -7.05 7.98 -13.26
N GLN D 91 -5.83 8.53 -13.23
CA GLN D 91 -4.79 8.09 -12.30
C GLN D 91 -4.24 9.29 -11.55
N THR D 92 -3.57 9.03 -10.44
CA THR D 92 -2.82 10.09 -9.79
C THR D 92 -1.34 10.09 -10.19
N GLU D 93 -0.93 9.11 -10.97
CA GLU D 93 0.47 9.00 -11.43
C GLU D 93 0.52 8.53 -12.87
N TYR D 94 1.33 9.21 -13.69
CA TYR D 94 1.52 8.86 -15.08
C TYR D 94 3.01 8.83 -15.43
N THR D 95 3.39 7.89 -16.31
CA THR D 95 4.80 7.66 -16.62
C THR D 95 5.09 7.82 -18.11
N ILE D 96 6.18 8.50 -18.41
CA ILE D 96 6.73 8.64 -19.75
C ILE D 96 8.07 7.91 -19.80
N ASN D 97 8.31 7.16 -20.87
CA ASN D 97 9.63 6.57 -21.06
C ASN D 97 10.37 7.33 -22.16
N PRO D 98 11.26 8.26 -21.82
CA PRO D 98 11.82 9.15 -22.83
C PRO D 98 12.96 8.48 -23.58
N SER D 99 13.23 9.03 -24.75
CA SER D 99 14.25 8.49 -25.65
C SER D 99 14.86 9.67 -26.40
N GLY D 100 16.08 9.48 -26.88
CA GLY D 100 16.64 10.45 -27.79
C GLY D 100 18.00 10.97 -27.35
N ASP D 101 18.35 12.16 -27.79
CA ASP D 101 19.68 12.72 -27.58
C ASP D 101 19.73 13.56 -26.30
N GLY D 102 20.96 13.88 -25.88
CA GLY D 102 21.15 14.99 -24.98
C GLY D 102 20.78 14.75 -23.52
N ALA D 103 20.44 15.84 -22.86
CA ALA D 103 20.08 15.81 -21.46
C ALA D 103 18.64 16.29 -21.30
N ILE D 104 17.92 15.70 -20.36
CA ILE D 104 16.60 16.18 -20.00
C ILE D 104 16.79 17.43 -19.15
N ASP D 105 16.22 18.55 -19.61
CA ASP D 105 16.36 19.82 -18.92
C ASP D 105 15.06 20.36 -18.36
N ALA D 106 13.91 19.80 -18.74
CA ALA D 106 12.62 20.37 -18.36
C ALA D 106 11.52 19.35 -18.57
N VAL D 107 10.37 19.61 -17.93
CA VAL D 107 9.16 18.81 -18.13
C VAL D 107 7.99 19.75 -18.31
N GLY D 108 6.87 19.22 -18.82
CA GLY D 108 5.71 20.05 -19.08
C GLY D 108 4.40 19.32 -18.95
N ILE D 109 3.35 20.12 -18.80
CA ILE D 109 1.96 19.67 -18.80
C ILE D 109 1.16 20.58 -19.73
N MET D 110 0.29 19.95 -20.53
CA MET D 110 -0.53 20.62 -21.56
C MET D 110 -1.92 20.01 -21.58
N ILE D 111 -2.93 20.77 -22.05
CA ILE D 111 -4.24 20.19 -22.34
C ILE D 111 -4.48 20.21 -23.85
N THR D 112 -5.25 19.22 -24.32
CA THR D 112 -5.62 19.16 -25.73
C THR D 112 -7.11 19.42 -25.95
N GLU D 113 -7.86 19.63 -24.87
CA GLU D 113 -9.29 19.90 -24.98
C GLU D 113 -9.53 21.18 -25.78
N ASP D 114 -10.40 21.08 -26.77
CA ASP D 114 -10.64 22.23 -27.67
C ASP D 114 -11.33 23.40 -26.98
N LYS D 115 -12.26 23.14 -26.05
CA LYS D 115 -13.06 24.19 -25.42
C LYS D 115 -13.03 23.99 -23.91
N PRO D 116 -11.91 24.32 -23.27
CA PRO D 116 -11.79 24.05 -21.83
C PRO D 116 -12.84 24.81 -21.03
N GLU D 117 -13.37 24.14 -20.00
CA GLU D 117 -14.19 24.82 -19.00
C GLU D 117 -13.93 24.17 -17.66
N ASN D 118 -13.50 25.00 -16.69
CA ASN D 118 -13.05 24.50 -15.39
C ASN D 118 -12.00 23.40 -15.55
N ALA D 119 -11.04 23.66 -16.42
CA ALA D 119 -9.95 22.73 -16.72
C ALA D 119 -8.79 23.06 -15.78
N THR D 120 -8.66 22.29 -14.71
CA THR D 120 -7.66 22.55 -13.69
C THR D 120 -7.00 21.24 -13.28
N VAL D 121 -5.78 21.35 -12.77
CA VAL D 121 -5.05 20.20 -12.24
C VAL D 121 -3.92 20.74 -11.38
N SER D 122 -3.45 19.93 -10.44
CA SER D 122 -2.31 20.28 -9.60
C SER D 122 -1.15 19.32 -9.85
N LEU D 123 0.06 19.85 -9.98
CA LEU D 123 1.26 19.03 -10.05
C LEU D 123 1.83 18.87 -8.65
N VAL D 124 2.03 17.64 -8.23
CA VAL D 124 2.57 17.30 -6.91
C VAL D 124 4.08 17.10 -6.96
N SER D 125 4.55 16.30 -7.92
CA SER D 125 5.94 15.91 -7.99
C SER D 125 6.21 15.30 -9.34
N VAL D 126 7.50 15.24 -9.67
CA VAL D 126 8.03 14.56 -10.85
C VAL D 126 9.19 13.69 -10.38
N THR D 127 9.17 12.42 -10.75
CA THR D 127 10.14 11.44 -10.29
C THR D 127 10.91 10.90 -11.50
N PHE D 128 12.23 10.89 -11.41
CA PHE D 128 13.12 10.34 -12.43
C PHE D 128 13.61 8.99 -11.92
N GLU D 129 13.30 7.92 -12.65
CA GLU D 129 13.84 6.61 -12.32
C GLU D 129 15.13 6.44 -13.09
N LEU D 130 16.24 6.37 -12.36
CA LEU D 130 17.58 6.42 -12.93
C LEU D 130 18.30 5.09 -12.82
N LYS D 131 19.24 4.92 -13.75
CA LYS D 131 20.12 3.75 -13.74
C LYS D 131 21.03 3.81 -12.53
N ALA D 132 21.00 2.75 -11.72
CA ALA D 132 21.82 2.65 -10.52
C ALA D 132 22.11 1.19 -10.26
N GLY D 133 23.25 0.92 -9.61
CA GLY D 133 23.68 -0.45 -9.37
C GLY D 133 24.09 -0.76 -7.94
N GLY E 4 -9.52 -19.35 8.55
CA GLY E 4 -9.13 -18.21 7.74
C GLY E 4 -10.34 -17.51 7.18
N VAL E 5 -11.51 -18.12 7.31
CA VAL E 5 -12.75 -17.52 6.82
C VAL E 5 -13.15 -16.36 7.72
N LYS E 6 -13.62 -15.28 7.12
CA LYS E 6 -14.02 -14.09 7.87
C LYS E 6 -15.51 -13.88 7.77
N LYS E 7 -16.14 -13.81 8.93
CA LYS E 7 -17.57 -13.46 9.10
C LYS E 7 -17.56 -11.98 9.52
N VAL E 8 -18.09 -11.10 8.70
CA VAL E 8 -18.04 -9.67 8.96
C VAL E 8 -19.46 -9.16 9.21
N PHE E 9 -19.63 -8.38 10.28
CA PHE E 9 -20.88 -7.68 10.55
C PHE E 9 -20.62 -6.18 10.50
N THR E 10 -21.26 -5.50 9.54
CA THR E 10 -21.22 -4.05 9.56
C THR E 10 -22.17 -3.53 10.64
N ALA E 11 -22.01 -2.25 10.97
CA ALA E 11 -22.74 -1.65 12.08
C ALA E 11 -24.25 -1.89 11.98
N ASP E 12 -24.84 -1.73 10.80
CA ASP E 12 -26.30 -1.84 10.68
C ASP E 12 -26.82 -3.27 10.85
N GLN E 13 -25.96 -4.28 10.96
CA GLN E 13 -26.39 -5.64 11.27
C GLN E 13 -26.37 -5.95 12.76
N LEU E 14 -25.92 -5.00 13.56
CA LEU E 14 -25.72 -5.20 14.99
C LEU E 14 -26.83 -4.46 15.72
N LYS E 15 -27.59 -5.21 16.52
CA LYS E 15 -28.68 -4.67 17.32
C LYS E 15 -28.17 -4.40 18.74
N VAL E 16 -28.56 -3.25 19.29
CA VAL E 16 -28.12 -2.91 20.64
C VAL E 16 -28.96 -3.68 21.65
N ALA E 17 -28.28 -4.41 22.54
CA ALA E 17 -28.93 -5.17 23.60
C ALA E 17 -29.12 -4.31 24.84
N TRP E 18 -28.12 -3.46 25.13
CA TRP E 18 -28.06 -2.64 26.34
C TRP E 18 -27.03 -1.55 26.07
N GLY E 19 -27.28 -0.36 26.59
CA GLY E 19 -26.27 0.68 26.53
C GLY E 19 -26.58 1.86 27.41
N ASP E 20 -25.66 2.26 28.28
CA ASP E 20 -25.81 3.52 29.00
C ASP E 20 -24.93 4.62 28.44
N ALA E 21 -24.10 4.29 27.45
CA ALA E 21 -23.60 5.32 26.56
C ALA E 21 -24.74 5.76 25.65
N ASP E 22 -24.56 6.91 25.05
CA ASP E 22 -25.46 7.38 24.03
C ASP E 22 -25.08 6.73 22.71
N TYR E 23 -26.08 6.26 21.94
CA TYR E 23 -25.79 5.59 20.67
C TYR E 23 -26.81 5.99 19.61
N GLU E 24 -26.36 6.16 18.36
CA GLU E 24 -27.23 6.43 17.23
C GLU E 24 -26.60 5.81 15.98
N LEU E 25 -27.43 5.21 15.14
CA LEU E 25 -26.98 4.63 13.88
C LEU E 25 -27.07 5.74 12.83
N ALA E 26 -25.91 6.18 12.32
CA ALA E 26 -25.86 7.29 11.38
C ALA E 26 -24.78 7.02 10.36
N ASP E 27 -25.10 7.28 9.09
CA ASP E 27 -24.17 7.04 8.00
C ASP E 27 -23.59 5.63 8.04
N GLY E 28 -24.41 4.67 8.43
CA GLY E 28 -23.94 3.30 8.44
C GLY E 28 -22.99 2.92 9.55
N GLN E 29 -22.83 3.79 10.56
CA GLN E 29 -21.97 3.56 11.71
C GLN E 29 -22.77 3.72 13.00
N TRP E 30 -22.39 2.98 14.03
CA TRP E 30 -22.92 3.24 15.35
C TRP E 30 -22.08 4.37 15.96
N LYS E 31 -22.70 5.53 16.16
CA LYS E 31 -22.01 6.69 16.70
C LYS E 31 -22.27 6.77 18.19
N LEU E 32 -21.20 6.76 18.98
CA LEU E 32 -21.30 6.65 20.43
C LEU E 32 -20.74 7.88 21.13
N SER E 33 -21.37 8.23 22.26
CA SER E 33 -20.92 9.29 23.14
C SER E 33 -21.01 8.79 24.58
N PHE E 34 -19.97 9.07 25.37
CA PHE E 34 -19.87 8.53 26.73
C PHE E 34 -19.79 9.71 27.69
N ALA E 35 -20.66 9.69 28.70
CA ALA E 35 -20.73 10.76 29.68
C ALA E 35 -20.07 10.40 31.00
N LYS E 36 -19.97 9.12 31.34
CA LYS E 36 -19.39 8.70 32.60
C LYS E 36 -18.52 7.47 32.41
N GLN E 37 -17.59 7.32 33.35
CA GLN E 37 -16.72 6.14 33.40
C GLN E 37 -17.54 4.86 33.38
N TYR E 38 -17.08 3.90 32.58
CA TYR E 38 -17.65 2.58 32.39
C TYR E 38 -18.96 2.62 31.60
N ASN E 39 -19.40 3.78 31.10
CA ASN E 39 -20.47 3.82 30.12
C ASN E 39 -20.11 2.89 28.95
N GLN E 40 -21.11 2.21 28.39
CA GLN E 40 -20.83 1.17 27.41
C GLN E 40 -22.07 0.84 26.59
N VAL E 41 -21.82 0.08 25.52
CA VAL E 41 -22.87 -0.48 24.66
C VAL E 41 -22.60 -1.97 24.45
N LYS E 42 -23.67 -2.76 24.39
CA LYS E 42 -23.60 -4.18 24.08
C LYS E 42 -24.49 -4.45 22.89
N TRP E 43 -23.92 -5.07 21.86
CA TRP E 43 -24.65 -5.46 20.65
C TRP E 43 -24.71 -6.98 20.53
N THR E 44 -25.87 -7.49 20.20
CA THR E 44 -26.04 -8.91 19.92
C THR E 44 -25.76 -9.20 18.46
N LEU E 45 -25.14 -10.33 18.23
CA LEU E 45 -24.88 -10.77 16.88
C LEU E 45 -26.16 -11.38 16.29
N PRO E 46 -26.40 -11.31 14.97
CA PRO E 46 -27.55 -11.95 14.37
C PRO E 46 -27.57 -13.46 14.65
N GLU E 47 -26.42 -14.11 14.68
CA GLU E 47 -26.27 -15.54 15.04
C GLU E 47 -25.03 -15.72 15.91
N SER E 48 -25.07 -16.50 16.98
CA SER E 48 -23.91 -16.78 17.86
C SER E 48 -22.95 -17.70 17.13
N ILE E 49 -21.69 -17.64 17.53
CA ILE E 49 -20.58 -18.37 16.91
C ILE E 49 -19.84 -19.14 18.00
N GLU E 50 -19.63 -20.45 17.77
CA GLU E 50 -18.96 -21.27 18.76
C GLU E 50 -17.54 -20.76 18.99
N MET E 51 -17.17 -20.63 20.26
CA MET E 51 -15.86 -20.10 20.62
C MET E 51 -14.74 -20.97 20.04
N SER E 52 -14.88 -22.29 20.15
CA SER E 52 -13.93 -23.24 19.56
C SER E 52 -13.55 -22.88 18.14
N GLN E 53 -14.45 -22.25 17.38
CA GLN E 53 -14.20 -21.94 15.97
C GLN E 53 -13.55 -20.59 15.71
N VAL E 54 -13.36 -19.74 16.71
CA VAL E 54 -12.95 -18.35 16.47
C VAL E 54 -11.49 -18.16 16.85
N ASN E 55 -10.71 -17.67 15.90
CA ASN E 55 -9.33 -17.33 16.15
C ASN E 55 -9.15 -15.89 16.65
N ALA E 56 -9.92 -14.96 16.10
CA ALA E 56 -9.73 -13.53 16.37
C ALA E 56 -11.03 -12.80 16.11
N VAL E 57 -11.27 -11.73 16.87
CA VAL E 57 -12.39 -10.81 16.67
C VAL E 57 -11.76 -9.44 16.49
N THR E 58 -12.01 -8.80 15.33
CA THR E 58 -11.41 -7.51 15.01
C THR E 58 -12.51 -6.45 14.93
N PHE E 59 -12.36 -5.40 15.74
CA PHE E 59 -13.27 -4.27 15.73
C PHE E 59 -12.72 -3.13 14.90
N GLN E 60 -13.50 -2.63 13.94
CA GLN E 60 -13.10 -1.45 13.17
C GLN E 60 -13.88 -0.22 13.66
N VAL E 61 -13.16 0.85 13.98
CA VAL E 61 -13.75 2.07 14.50
C VAL E 61 -13.33 3.25 13.61
N ALA E 62 -14.01 4.39 13.82
CA ALA E 62 -13.67 5.64 13.13
C ALA E 62 -13.97 6.80 14.06
N ASP E 63 -13.31 7.93 13.79
CA ASP E 63 -13.50 9.16 14.57
C ASP E 63 -13.31 8.93 16.06
N GLN E 64 -12.30 8.13 16.39
CA GLN E 64 -12.08 7.81 17.79
C GLN E 64 -11.47 9.01 18.52
N LYS E 65 -12.15 9.46 19.56
CA LYS E 65 -11.70 10.63 20.32
C LYS E 65 -11.44 10.31 21.77
N VAL E 66 -11.42 9.03 22.14
CA VAL E 66 -11.18 8.58 23.50
C VAL E 66 -10.62 7.16 23.45
N PRO E 67 -9.73 6.77 24.37
CA PRO E 67 -9.34 5.34 24.44
C PRO E 67 -10.53 4.47 24.80
N ILE E 68 -10.60 3.27 24.22
CA ILE E 68 -11.76 2.41 24.41
C ILE E 68 -11.35 1.05 24.92
N SER E 69 -12.34 0.35 25.48
CA SER E 69 -12.26 -1.04 25.91
C SER E 69 -13.24 -1.85 25.06
N LEU E 70 -12.82 -3.05 24.70
CA LEU E 70 -13.58 -3.93 23.82
C LEU E 70 -13.88 -5.25 24.52
N LYS E 71 -15.07 -5.78 24.29
CA LYS E 71 -15.56 -6.95 25.00
C LYS E 71 -16.11 -7.97 24.01
N VAL E 72 -15.80 -9.23 24.24
CA VAL E 72 -16.39 -10.36 23.54
C VAL E 72 -17.15 -11.18 24.58
N TYR E 73 -18.48 -11.23 24.45
CA TYR E 73 -19.36 -11.94 25.36
C TYR E 73 -19.54 -13.39 24.91
N ASN E 74 -19.71 -14.28 25.88
CA ASN E 74 -19.96 -15.69 25.56
C ASN E 74 -21.03 -16.24 26.50
N GLY E 75 -22.14 -15.51 26.59
CA GLY E 75 -23.34 -16.01 27.23
C GLY E 75 -23.57 -15.53 28.65
N GLY E 76 -22.57 -14.91 29.27
CA GLY E 76 -22.71 -14.40 30.62
C GLY E 76 -23.21 -12.97 30.63
N ASP E 77 -23.44 -12.46 31.85
CA ASP E 77 -23.92 -11.09 31.99
C ASP E 77 -22.84 -10.07 31.62
N ASP E 78 -21.58 -10.40 31.85
CA ASP E 78 -20.49 -9.54 31.39
C ASP E 78 -19.48 -10.41 30.67
N ALA E 79 -18.61 -9.77 29.90
CA ALA E 79 -17.52 -10.49 29.27
C ALA E 79 -16.49 -10.88 30.31
N THR E 80 -15.82 -12.03 30.09
CA THR E 80 -14.73 -12.40 30.97
C THR E 80 -13.51 -11.49 30.77
N ALA E 81 -12.67 -11.41 31.80
CA ALA E 81 -11.47 -10.57 31.69
C ALA E 81 -10.58 -11.04 30.54
N ALA E 82 -10.52 -12.35 30.30
CA ALA E 82 -9.74 -12.88 29.18
C ALA E 82 -10.27 -12.42 27.83
N ASN E 83 -11.55 -12.09 27.75
CA ASN E 83 -12.20 -11.69 26.51
C ASN E 83 -12.44 -10.18 26.45
N THR E 84 -11.66 -9.42 27.21
CA THR E 84 -11.76 -7.98 27.29
C THR E 84 -10.38 -7.37 27.11
N GLN E 85 -10.28 -6.26 26.38
CA GLN E 85 -9.04 -5.48 26.32
C GLN E 85 -9.33 -4.01 26.64
N TYR E 86 -8.45 -3.39 27.40
CA TYR E 86 -8.69 -2.06 27.93
C TYR E 86 -7.71 -1.05 27.35
N GLY E 87 -8.12 0.21 27.30
CA GLY E 87 -7.21 1.31 26.99
C GLY E 87 -6.67 1.32 25.57
N LEU E 88 -7.50 0.99 24.59
CA LEU E 88 -7.05 0.89 23.20
C LEU E 88 -7.12 2.26 22.54
N SER E 89 -6.05 2.65 21.83
CA SER E 89 -5.96 3.95 21.17
C SER E 89 -5.02 3.84 19.98
N GLY E 90 -5.18 4.73 19.02
CA GLY E 90 -4.20 4.89 17.96
C GLY E 90 -4.39 4.07 16.70
N GLN E 91 -5.42 3.21 16.65
CA GLN E 91 -5.66 2.34 15.50
CA GLN E 91 -5.66 2.35 15.50
C GLN E 91 -7.12 2.45 15.10
N THR E 92 -7.41 2.08 13.85
CA THR E 92 -8.80 1.95 13.43
C THR E 92 -9.27 0.51 13.43
N GLU E 93 -8.39 -0.46 13.71
CA GLU E 93 -8.75 -1.88 13.88
C GLU E 93 -8.04 -2.39 15.12
N TYR E 94 -8.79 -3.05 16.01
CA TYR E 94 -8.27 -3.64 17.23
C TYR E 94 -8.69 -5.11 17.28
N THR E 95 -7.82 -5.98 17.76
CA THR E 95 -8.11 -7.42 17.72
C THR E 95 -8.00 -8.06 19.09
N ILE E 96 -9.01 -8.88 19.42
CA ILE E 96 -9.04 -9.72 20.61
C ILE E 96 -8.98 -11.18 20.16
N ASN E 97 -8.16 -12.00 20.84
CA ASN E 97 -8.18 -13.43 20.58
C ASN E 97 -8.93 -14.10 21.72
N PRO E 98 -10.21 -14.43 21.55
CA PRO E 98 -11.04 -14.84 22.69
C PRO E 98 -10.80 -16.28 23.10
N SER E 99 -11.26 -16.60 24.32
CA SER E 99 -11.05 -17.92 24.88
C SER E 99 -12.24 -18.27 25.76
N GLY E 100 -12.46 -19.54 25.90
CA GLY E 100 -13.44 -20.00 26.84
C GLY E 100 -14.34 -21.01 26.19
N ASP E 101 -15.48 -21.15 26.82
CA ASP E 101 -16.41 -22.19 26.49
C ASP E 101 -17.57 -21.53 25.76
N GLY E 102 -18.46 -22.34 25.22
CA GLY E 102 -19.73 -21.82 24.74
C GLY E 102 -19.68 -21.11 23.38
N ALA E 103 -20.66 -20.23 23.17
CA ALA E 103 -20.79 -19.50 21.90
C ALA E 103 -20.67 -18.00 22.16
N ILE E 104 -20.00 -17.29 21.23
CA ILE E 104 -19.96 -15.85 21.31
C ILE E 104 -21.33 -15.35 20.84
N ASP E 105 -22.02 -14.61 21.70
CA ASP E 105 -23.35 -14.11 21.38
C ASP E 105 -23.42 -12.59 21.21
N ALA E 106 -22.40 -11.84 21.64
CA ALA E 106 -22.47 -10.38 21.68
C ALA E 106 -21.08 -9.80 21.77
N VAL E 107 -20.97 -8.50 21.47
CA VAL E 107 -19.74 -7.74 21.64
C VAL E 107 -20.08 -6.40 22.29
N GLY E 108 -19.05 -5.74 22.83
CA GLY E 108 -19.23 -4.45 23.47
C GLY E 108 -18.07 -3.48 23.35
N ILE E 109 -18.40 -2.21 23.56
CA ILE E 109 -17.44 -1.12 23.66
C ILE E 109 -17.72 -0.34 24.94
N MET E 110 -16.67 -0.02 25.69
CA MET E 110 -16.79 0.64 26.99
C MET E 110 -15.64 1.65 27.12
N ILE E 111 -15.82 2.69 27.94
CA ILE E 111 -14.68 3.56 28.26
C ILE E 111 -14.30 3.36 29.74
N THR E 112 -13.01 3.49 30.03
CA THR E 112 -12.54 3.43 31.40
C THR E 112 -12.12 4.81 31.89
N GLU E 113 -12.22 5.83 31.07
CA GLU E 113 -11.83 7.23 31.41
C GLU E 113 -12.66 7.72 32.59
N ASP E 114 -12.07 8.33 33.60
CA ASP E 114 -12.86 8.72 34.81
C ASP E 114 -13.59 10.06 34.63
N LYS E 115 -13.16 10.96 33.76
CA LYS E 115 -13.88 12.23 33.50
C LYS E 115 -14.00 12.45 31.98
N PRO E 116 -14.86 11.69 31.26
CA PRO E 116 -15.02 11.78 29.86
C PRO E 116 -15.36 13.23 29.52
N GLU E 117 -14.81 13.75 28.46
CA GLU E 117 -15.13 15.08 27.94
C GLU E 117 -15.00 14.97 26.43
N ASN E 118 -16.05 15.23 25.67
CA ASN E 118 -15.95 15.04 24.23
C ASN E 118 -15.44 13.63 23.89
N ALA E 119 -15.96 12.65 24.61
CA ALA E 119 -15.57 11.24 24.45
C ALA E 119 -16.53 10.57 23.48
N THR E 120 -16.07 10.39 22.24
CA THR E 120 -16.90 9.81 21.19
C THR E 120 -16.06 8.82 20.37
N VAL E 121 -16.77 7.90 19.73
CA VAL E 121 -16.19 6.96 18.77
C VAL E 121 -17.32 6.42 17.91
N SER E 122 -16.99 5.96 16.71
CA SER E 122 -17.95 5.27 15.85
C SER E 122 -17.52 3.83 15.62
N LEU E 123 -18.46 2.89 15.67
CA LEU E 123 -18.16 1.50 15.32
C LEU E 123 -18.54 1.28 13.86
N VAL E 124 -17.59 0.76 13.08
CA VAL E 124 -17.77 0.51 11.67
C VAL E 124 -18.17 -0.95 11.40
N SER E 125 -17.45 -1.90 12.00
CA SER E 125 -17.71 -3.29 11.69
C SER E 125 -17.06 -4.14 12.77
N VAL E 126 -17.48 -5.39 12.84
CA VAL E 126 -16.87 -6.41 13.69
C VAL E 126 -16.65 -7.66 12.85
N THR E 127 -15.42 -8.17 12.86
CA THR E 127 -15.02 -9.28 12.01
C THR E 127 -14.59 -10.45 12.88
N PHE E 128 -15.15 -11.64 12.59
CA PHE E 128 -14.82 -12.90 13.26
C PHE E 128 -13.94 -13.67 12.29
N GLU E 129 -12.71 -13.84 12.72
CA GLU E 129 -11.73 -14.61 11.97
C GLU E 129 -11.84 -16.08 12.46
N LEU E 130 -12.28 -16.96 11.55
CA LEU E 130 -12.61 -18.28 12.07
C LEU E 130 -11.41 -19.20 11.90
N LYS E 131 -11.32 -20.22 12.77
CA LYS E 131 -10.19 -21.15 12.65
C LYS E 131 -10.29 -21.95 11.34
N ALA E 132 -9.18 -22.60 10.96
CA ALA E 132 -9.15 -23.36 9.71
C ALA E 132 -9.91 -24.67 9.96
N GLY E 133 -11.11 -24.75 9.40
CA GLY E 133 -11.97 -25.90 9.65
C GLY E 133 -13.33 -25.54 10.24
N ALA E 134 -13.80 -24.32 9.94
CA ALA E 134 -15.10 -23.83 10.39
C ALA E 134 -15.75 -23.08 9.22
N GLY E 135 -16.99 -23.46 8.90
CA GLY E 135 -17.69 -22.84 7.79
C GLY E 135 -17.56 -23.62 6.50
N GLY F 4 -26.50 -17.55 1.43
CA GLY F 4 -25.71 -18.31 2.39
C GLY F 4 -24.62 -17.50 3.06
N VAL F 5 -23.36 -17.79 2.71
CA VAL F 5 -22.22 -17.08 3.27
C VAL F 5 -22.12 -15.69 2.66
N LYS F 6 -21.74 -14.71 3.46
CA LYS F 6 -21.58 -13.32 3.01
C LYS F 6 -20.11 -12.98 3.12
N LYS F 7 -19.51 -12.60 2.00
CA LYS F 7 -18.16 -12.07 2.03
C LYS F 7 -18.27 -10.53 1.95
N VAL F 8 -17.84 -9.88 3.01
CA VAL F 8 -18.02 -8.45 3.18
C VAL F 8 -16.68 -7.73 3.09
N PHE F 9 -16.61 -6.72 2.24
CA PHE F 9 -15.46 -5.84 2.18
C PHE F 9 -15.88 -4.43 2.59
N THR F 10 -15.33 -3.95 3.70
CA THR F 10 -15.55 -2.58 4.09
C THR F 10 -14.66 -1.69 3.24
N ALA F 11 -14.96 -0.39 3.27
CA ALA F 11 -14.28 0.57 2.40
C ALA F 11 -12.75 0.45 2.49
N ASP F 12 -12.21 0.32 3.70
CA ASP F 12 -10.76 0.32 3.88
C ASP F 12 -10.07 -0.89 3.28
N GLN F 13 -10.82 -1.91 2.86
CA GLN F 13 -10.26 -3.08 2.20
C GLN F 13 -10.26 -3.00 0.70
N LEU F 14 -10.79 -1.91 0.14
CA LEU F 14 -10.90 -1.73 -1.31
C LEU F 14 -9.91 -0.68 -1.80
N LYS F 15 -9.12 -1.07 -2.79
CA LYS F 15 -8.08 -0.23 -3.43
C LYS F 15 -8.63 0.38 -4.73
N VAL F 16 -8.42 1.67 -4.94
CA VAL F 16 -8.83 2.35 -6.16
C VAL F 16 -7.89 1.89 -7.26
N ALA F 17 -8.46 1.32 -8.32
CA ALA F 17 -7.72 0.94 -9.51
C ALA F 17 -7.59 2.10 -10.50
N TRP F 18 -8.67 2.89 -10.59
CA TRP F 18 -8.86 3.93 -11.59
C TRP F 18 -9.97 4.83 -11.06
N GLY F 19 -9.83 6.12 -11.28
CA GLY F 19 -10.89 7.04 -10.94
C GLY F 19 -10.68 8.43 -11.49
N ASP F 20 -11.67 8.97 -12.21
CA ASP F 20 -11.65 10.38 -12.56
C ASP F 20 -12.60 11.18 -11.66
N ALA F 21 -13.33 10.52 -10.78
CA ALA F 21 -13.92 11.23 -9.65
C ALA F 21 -12.85 11.58 -8.63
N ASP F 22 -13.19 12.49 -7.75
CA ASP F 22 -12.38 12.83 -6.60
C ASP F 22 -12.73 11.88 -5.47
N TYR F 23 -11.73 11.30 -4.82
CA TYR F 23 -11.99 10.30 -3.78
C TYR F 23 -11.00 10.43 -2.62
N GLU F 24 -11.49 10.12 -1.41
CA GLU F 24 -10.61 10.05 -0.25
C GLU F 24 -11.21 9.06 0.73
N LEU F 25 -10.36 8.30 1.39
CA LEU F 25 -10.79 7.40 2.46
C LEU F 25 -10.76 8.19 3.75
N ALA F 26 -11.93 8.44 4.32
CA ALA F 26 -12.01 9.25 5.54
C ALA F 26 -13.03 8.62 6.46
N ASP F 27 -12.68 8.52 7.74
CA ASP F 27 -13.57 7.96 8.75
C ASP F 27 -14.13 6.62 8.32
N GLY F 28 -13.28 5.80 7.71
CA GLY F 28 -13.59 4.44 7.31
C GLY F 28 -14.45 4.27 6.08
N GLN F 29 -14.75 5.34 5.32
CA GLN F 29 -15.58 5.30 4.13
C GLN F 29 -14.86 5.95 2.96
N TRP F 30 -15.18 5.50 1.74
CA TRP F 30 -14.69 6.17 0.55
C TRP F 30 -15.63 7.31 0.20
N LYS F 31 -15.15 8.54 0.36
CA LYS F 31 -15.94 9.73 0.14
C LYS F 31 -15.65 10.24 -1.27
N LEU F 32 -16.70 10.33 -2.07
CA LEU F 32 -16.57 10.67 -3.48
C LEU F 32 -17.27 11.99 -3.82
N SER F 33 -16.68 12.71 -4.77
CA SER F 33 -17.25 13.92 -5.31
C SER F 33 -17.10 13.86 -6.82
N PHE F 34 -18.17 14.19 -7.54
CA PHE F 34 -18.19 14.06 -9.00
C PHE F 34 -18.42 15.44 -9.62
N ALA F 35 -17.51 15.83 -10.52
CA ALA F 35 -17.57 17.12 -11.19
C ALA F 35 -18.16 17.02 -12.59
N LYS F 36 -18.13 15.85 -13.23
CA LYS F 36 -18.56 15.68 -14.61
C LYS F 36 -19.39 14.43 -14.81
N GLN F 37 -20.24 14.45 -15.85
CA GLN F 37 -20.98 13.27 -16.28
C GLN F 37 -20.04 12.11 -16.56
N TYR F 38 -20.40 10.94 -16.06
CA TYR F 38 -19.72 9.67 -16.18
C TYR F 38 -18.43 9.60 -15.36
N ASN F 39 -18.10 10.63 -14.57
CA ASN F 39 -17.02 10.52 -13.60
C ASN F 39 -17.29 9.27 -12.73
N GLN F 40 -16.24 8.57 -12.36
CA GLN F 40 -16.43 7.28 -11.71
C GLN F 40 -15.14 6.86 -10.99
N VAL F 41 -15.30 5.83 -10.14
CA VAL F 41 -14.19 5.15 -9.48
C VAL F 41 -14.37 3.65 -9.67
N LYS F 42 -13.25 2.95 -9.82
CA LYS F 42 -13.20 1.50 -9.88
C LYS F 42 -12.27 1.02 -8.76
N TRP F 43 -12.76 0.10 -7.95
CA TRP F 43 -12.01 -0.49 -6.86
C TRP F 43 -11.75 -1.95 -7.14
N THR F 44 -10.52 -2.39 -6.87
CA THR F 44 -10.18 -3.81 -6.96
C THR F 44 -10.47 -4.48 -5.63
N LEU F 45 -10.96 -5.74 -5.67
CA LEU F 45 -11.23 -6.53 -4.48
C LEU F 45 -9.95 -7.15 -3.89
N PRO F 46 -9.93 -7.39 -2.57
CA PRO F 46 -8.74 -8.03 -1.98
C PRO F 46 -8.41 -9.37 -2.61
N GLU F 47 -9.42 -10.03 -3.16
CA GLU F 47 -9.30 -11.33 -3.81
C GLU F 47 -10.46 -11.50 -4.76
N SER F 48 -10.19 -11.99 -5.97
CA SER F 48 -11.24 -12.14 -6.97
C SER F 48 -12.17 -13.27 -6.55
N ILE F 49 -13.43 -13.19 -6.99
CA ILE F 49 -14.45 -14.17 -6.62
C ILE F 49 -15.06 -14.72 -7.90
N GLU F 50 -15.12 -16.05 -8.01
CA GLU F 50 -15.71 -16.68 -9.16
C GLU F 50 -17.18 -16.32 -9.31
N MET F 51 -17.57 -15.98 -10.54
CA MET F 51 -18.96 -15.62 -10.81
C MET F 51 -19.88 -16.75 -10.39
N SER F 52 -19.48 -17.99 -10.69
CA SER F 52 -20.14 -19.21 -10.26
C SER F 52 -20.54 -19.21 -8.80
N GLN F 53 -19.75 -18.57 -7.97
CA GLN F 53 -19.99 -18.57 -6.54
C GLN F 53 -20.96 -17.49 -6.08
N VAL F 54 -21.33 -16.53 -6.90
CA VAL F 54 -21.95 -15.29 -6.40
C VAL F 54 -23.43 -15.26 -6.73
N ASN F 55 -24.28 -15.02 -5.73
CA ASN F 55 -25.67 -14.73 -6.01
C ASN F 55 -25.99 -13.27 -6.24
N ALA F 56 -25.42 -12.42 -5.39
CA ALA F 56 -25.82 -11.04 -5.35
C ALA F 56 -24.66 -10.22 -4.81
N VAL F 57 -24.57 -8.97 -5.26
CA VAL F 57 -23.58 -8.00 -4.81
C VAL F 57 -24.34 -6.81 -4.27
N THR F 58 -24.16 -6.49 -3.00
CA THR F 58 -24.91 -5.39 -2.37
C THR F 58 -23.96 -4.26 -2.00
N PHE F 59 -24.23 -3.06 -2.50
CA PHE F 59 -23.47 -1.85 -2.21
C PHE F 59 -24.15 -1.07 -1.09
N GLN F 60 -23.42 -0.80 0.00
CA GLN F 60 -23.94 0.05 1.06
C GLN F 60 -23.31 1.43 0.97
N VAL F 61 -24.15 2.46 0.90
CA VAL F 61 -23.72 3.85 0.78
C VAL F 61 -24.29 4.69 1.92
N ALA F 62 -23.73 5.90 2.06
CA ALA F 62 -24.19 6.89 3.02
C ALA F 62 -24.06 8.26 2.39
N ASP F 63 -24.88 9.19 2.88
CA ASP F 63 -24.84 10.60 2.48
C ASP F 63 -24.89 10.76 0.97
N GLN F 64 -25.77 9.97 0.36
CA GLN F 64 -25.95 10.02 -1.07
C GLN F 64 -26.72 11.30 -1.44
N LYS F 65 -26.07 12.11 -2.28
CA LYS F 65 -26.58 13.41 -2.70
C LYS F 65 -26.77 13.50 -4.22
N VAL F 66 -26.67 12.39 -4.94
CA VAL F 66 -26.78 12.33 -6.39
C VAL F 66 -27.20 10.90 -6.73
N PRO F 67 -28.03 10.66 -7.75
CA PRO F 67 -28.28 9.28 -8.16
C PRO F 67 -26.99 8.61 -8.65
N ILE F 68 -26.85 7.32 -8.36
CA ILE F 68 -25.61 6.63 -8.72
C ILE F 68 -25.86 5.43 -9.62
N SER F 69 -24.81 5.06 -10.36
CA SER F 69 -24.71 3.86 -11.16
C SER F 69 -23.67 2.94 -10.55
N LEU F 70 -23.97 1.65 -10.51
CA LEU F 70 -23.17 0.64 -9.85
C LEU F 70 -22.72 -0.38 -10.86
N LYS F 71 -21.47 -0.83 -10.73
CA LYS F 71 -20.88 -1.73 -11.71
C LYS F 71 -20.21 -2.90 -11.00
N VAL F 72 -20.39 -4.09 -11.56
CA VAL F 72 -19.67 -5.28 -11.15
C VAL F 72 -18.85 -5.72 -12.35
N TYR F 73 -17.53 -5.66 -12.20
CA TYR F 73 -16.59 -6.02 -13.25
C TYR F 73 -16.28 -7.50 -13.19
N ASN F 74 -16.07 -8.11 -14.34
CA ASN F 74 -15.68 -9.52 -14.40
C ASN F 74 -14.59 -9.69 -15.46
N GLY F 75 -13.54 -8.86 -15.37
CA GLY F 75 -12.32 -9.05 -16.12
C GLY F 75 -12.17 -8.16 -17.33
N GLY F 76 -13.22 -7.44 -17.75
CA GLY F 76 -13.14 -6.58 -18.89
C GLY F 76 -12.70 -5.15 -18.54
N ASP F 77 -12.55 -4.32 -19.58
CA ASP F 77 -12.17 -2.93 -19.35
C ASP F 77 -13.31 -2.15 -18.72
N ASP F 78 -14.55 -2.50 -19.05
CA ASP F 78 -15.72 -1.92 -18.42
C ASP F 78 -16.65 -3.05 -17.99
N ALA F 79 -17.61 -2.72 -17.13
CA ALA F 79 -18.60 -3.70 -16.73
C ALA F 79 -19.60 -3.92 -17.86
N THR F 80 -20.10 -5.15 -17.96
CA THR F 80 -21.16 -5.43 -18.93
C THR F 80 -22.46 -4.76 -18.47
N ALA F 81 -23.35 -4.52 -19.42
CA ALA F 81 -24.64 -3.92 -19.09
C ALA F 81 -25.44 -4.79 -18.13
N ALA F 82 -25.35 -6.12 -18.27
CA ALA F 82 -26.05 -7.01 -17.34
C ALA F 82 -25.55 -6.82 -15.91
N ASN F 83 -24.32 -6.34 -15.75
CA ASN F 83 -23.68 -6.21 -14.45
C ASN F 83 -23.60 -4.76 -14.00
N THR F 84 -24.47 -3.91 -14.56
CA THR F 84 -24.51 -2.48 -14.29
C THR F 84 -25.95 -2.06 -14.05
N GLN F 85 -26.16 -1.20 -13.07
CA GLN F 85 -27.45 -0.58 -12.85
C GLN F 85 -27.24 0.92 -12.80
N TYR F 86 -28.18 1.68 -13.39
CA TYR F 86 -28.05 3.11 -13.55
C TYR F 86 -29.12 3.89 -12.78
N GLY F 87 -28.79 5.12 -12.40
CA GLY F 87 -29.77 6.08 -11.88
C GLY F 87 -30.41 5.68 -10.57
N LEU F 88 -29.65 5.06 -9.68
CA LEU F 88 -30.19 4.54 -8.44
C LEU F 88 -30.24 5.61 -7.35
N SER F 89 -31.38 5.68 -6.66
CA SER F 89 -31.61 6.69 -5.64
C SER F 89 -32.56 6.13 -4.58
N GLY F 90 -32.49 6.69 -3.39
CA GLY F 90 -33.48 6.41 -2.39
C GLY F 90 -33.18 5.32 -1.40
N GLN F 91 -32.05 4.61 -1.53
CA GLN F 91 -31.75 3.53 -0.58
C GLN F 91 -30.32 3.67 -0.08
N THR F 92 -30.06 3.09 1.09
CA THR F 92 -28.68 2.97 1.53
C THR F 92 -28.04 1.65 1.13
N GLU F 93 -28.79 0.70 0.58
CA GLU F 93 -28.26 -0.56 0.08
C GLU F 93 -28.87 -0.87 -1.26
N TYR F 94 -28.03 -1.18 -2.24
CA TYR F 94 -28.47 -1.56 -3.57
C TYR F 94 -27.86 -2.89 -3.97
N THR F 95 -28.64 -3.72 -4.64
CA THR F 95 -28.22 -5.07 -4.96
C THR F 95 -28.29 -5.30 -6.46
N ILE F 96 -27.23 -5.88 -6.99
CA ILE F 96 -27.13 -6.40 -8.34
C ILE F 96 -27.00 -7.91 -8.25
N ASN F 97 -27.71 -8.64 -9.11
CA ASN F 97 -27.50 -10.07 -9.23
C ASN F 97 -26.67 -10.27 -10.50
N PRO F 98 -25.35 -10.44 -10.41
CA PRO F 98 -24.52 -10.38 -11.61
C PRO F 98 -24.56 -11.70 -12.39
N SER F 99 -24.13 -11.62 -13.65
CA SER F 99 -24.18 -12.79 -14.50
C SER F 99 -23.01 -12.76 -15.48
N GLY F 100 -22.65 -13.96 -16.00
CA GLY F 100 -21.69 -14.12 -17.07
C GLY F 100 -20.58 -15.06 -16.62
N ASP F 101 -19.44 -14.88 -17.24
CA ASP F 101 -18.25 -15.72 -17.06
C ASP F 101 -17.22 -15.13 -16.14
N GLY F 102 -16.30 -16.02 -15.77
CA GLY F 102 -15.07 -15.60 -15.16
C GLY F 102 -15.21 -15.33 -13.68
N ALA F 103 -14.36 -14.44 -13.22
CA ALA F 103 -14.29 -14.04 -11.84
C ALA F 103 -14.58 -12.55 -11.72
N ILE F 104 -15.28 -12.19 -10.66
CA ILE F 104 -15.49 -10.80 -10.31
C ILE F 104 -14.20 -10.29 -9.67
N ASP F 105 -13.59 -9.27 -10.29
CA ASP F 105 -12.34 -8.71 -9.80
C ASP F 105 -12.45 -7.29 -9.27
N ALA F 106 -13.54 -6.57 -9.56
CA ALA F 106 -13.60 -5.16 -9.18
C ALA F 106 -15.05 -4.69 -9.15
N VAL F 107 -15.26 -3.55 -8.51
CA VAL F 107 -16.58 -2.90 -8.51
C VAL F 107 -16.40 -1.42 -8.79
N GLY F 108 -17.49 -0.75 -9.15
CA GLY F 108 -17.43 0.68 -9.46
C GLY F 108 -18.71 1.44 -9.14
N ILE F 109 -18.54 2.75 -9.00
CA ILE F 109 -19.63 3.71 -8.80
C ILE F 109 -19.40 4.86 -9.79
N MET F 110 -20.48 5.27 -10.46
CA MET F 110 -20.43 6.31 -11.49
C MET F 110 -21.66 7.18 -11.38
N ILE F 111 -21.56 8.43 -11.84
CA ILE F 111 -22.75 9.26 -12.01
C ILE F 111 -23.07 9.42 -13.50
N THR F 112 -24.36 9.57 -13.80
CA THR F 112 -24.80 9.85 -15.16
C THR F 112 -25.39 11.25 -15.30
N GLU F 113 -25.50 12.01 -14.23
CA GLU F 113 -26.01 13.41 -14.27
C GLU F 113 -25.16 14.24 -15.25
N ASP F 114 -25.79 14.97 -16.15
CA ASP F 114 -25.04 15.70 -17.19
C ASP F 114 -24.38 16.96 -16.64
N LYS F 115 -24.93 17.60 -15.62
CA LYS F 115 -24.32 18.80 -15.01
C LYS F 115 -24.24 18.65 -13.49
N PRO F 116 -23.30 17.82 -12.96
CA PRO F 116 -23.15 17.60 -11.50
C PRO F 116 -22.91 18.89 -10.74
N GLU F 117 -23.66 19.03 -9.64
CA GLU F 117 -23.56 20.13 -8.65
C GLU F 117 -23.73 19.52 -7.26
N ASN F 118 -22.76 19.72 -6.39
CA ASN F 118 -22.69 19.12 -5.04
C ASN F 118 -23.07 17.64 -5.12
N ALA F 119 -22.47 16.95 -6.09
CA ALA F 119 -22.73 15.53 -6.33
C ALA F 119 -21.71 14.73 -5.51
N THR F 120 -22.15 14.19 -4.38
CA THR F 120 -21.27 13.44 -3.50
C THR F 120 -21.97 12.18 -3.00
N VAL F 121 -21.16 11.19 -2.62
CA VAL F 121 -21.67 9.98 -1.97
C VAL F 121 -20.52 9.31 -1.25
N SER F 122 -20.83 8.52 -0.23
CA SER F 122 -19.84 7.71 0.47
C SER F 122 -20.12 6.23 0.24
N LEU F 123 -19.06 5.47 -0.02
CA LEU F 123 -19.17 4.02 -0.06
C LEU F 123 -18.80 3.46 1.30
N VAL F 124 -19.70 2.65 1.88
CA VAL F 124 -19.49 2.05 3.20
C VAL F 124 -18.91 0.65 3.08
N SER F 125 -19.48 -0.18 2.22
CA SER F 125 -19.08 -1.57 2.13
C SER F 125 -19.69 -2.15 0.86
N VAL F 126 -19.13 -3.25 0.45
CA VAL F 126 -19.62 -4.07 -0.66
C VAL F 126 -19.70 -5.51 -0.16
N THR F 127 -20.87 -6.14 -0.33
CA THR F 127 -21.13 -7.46 0.22
C THR F 127 -21.43 -8.44 -0.90
N PHE F 128 -20.74 -9.57 -0.89
CA PHE F 128 -20.94 -10.65 -1.87
C PHE F 128 -21.69 -11.75 -1.14
N GLU F 129 -22.90 -11.99 -1.60
CA GLU F 129 -23.77 -13.04 -1.09
C GLU F 129 -23.41 -14.29 -1.91
N LEU F 130 -22.81 -15.27 -1.25
CA LEU F 130 -22.26 -16.40 -2.00
C LEU F 130 -23.18 -17.62 -1.94
N LYS F 131 -23.09 -18.46 -2.95
CA LYS F 131 -23.82 -19.72 -2.94
C LYS F 131 -23.23 -20.64 -1.86
N ALA F 132 -23.82 -21.81 -1.69
CA ALA F 132 -23.33 -22.71 -0.66
C ALA F 132 -22.01 -23.32 -1.12
N GLY F 133 -21.10 -23.52 -0.16
CA GLY F 133 -19.77 -24.04 -0.43
C GLY F 133 -18.66 -23.03 -0.20
N ALA F 134 -19.00 -21.74 -0.23
CA ALA F 134 -18.11 -20.65 0.18
C ALA F 134 -16.84 -20.55 -0.65
#